data_6P54
#
_entry.id   6P54
#
_cell.length_a   43.223
_cell.length_b   78.485
_cell.length_c   87.608
_cell.angle_alpha   90.00
_cell.angle_beta   91.34
_cell.angle_gamma   90.00
#
_symmetry.space_group_name_H-M   'P 1 21 1'
#
loop_
_entity.id
_entity.type
_entity.pdbx_description
1 polymer 'Probable peptidoglycan D,D-transpeptidase PenA'
2 non-polymer 'ceftriaxone, bound form'
3 non-polymer "CEFOTAXIME, C3' cleaved, open, bound form"
4 non-polymer Ceftriaxone
5 non-polymer DI(HYDROXYETHYL)ETHER
6 water water
#
_entity_poly.entity_id   1
_entity_poly.type   'polypeptide(L)'
_entity_poly.pdbx_seq_one_letter_code
;GSGGALSLDQRIQTLAYEELNKAVEYHQAKAGTVVVLDARTGEILALANTPGRNRAVTDMIEPGSAIKPFVIAKALDAGK
TDLNERLNTQPYKIGPSPVRDTHVYPSLDVRGIMQKSSNVGTSKLSARFGAEEMYDFYHELGIGVRMHSGFPGETAGLLR
NWRRWRPIEQATMSFGYGLQLSLLQLARAYTALTHDGVLLPLSFEKQAVAPQGKRIFKESTAREVRNLMVSVTEPGGTGT
AGAVDGFDVGAKTGTARKFVNGRYADNKHVATFIGFAPAKNPRVIVAVTIDEPTAHGYYGGVVAGPPFKKIMGGSLNILG
ISPTKPLTA
;
_entity_poly.pdbx_strand_id   A,B
#
loop_
_chem_comp.id
_chem_comp.type
_chem_comp.name
_chem_comp.formula
9F2 non-polymer Ceftriaxone 'C18 H18 N8 O7 S3'
CEF non-polymer 'CEFOTAXIME, C3' cleaved, open, bound form' 'C14 H15 N5 O5 S2'
NZV non-polymer 'ceftriaxone, bound form' 'C18 H20 N8 O8 S3'
PEG non-polymer DI(HYDROXYETHYL)ETHER 'C4 H10 O3'
#
# COMPACT_ATOMS: atom_id res chain seq x y z
N ALA A 5 -2.19 -28.77 12.86
CA ALA A 5 -3.09 -29.19 11.75
C ALA A 5 -2.62 -28.48 10.48
N LEU A 6 -1.61 -29.07 9.85
CA LEU A 6 -0.96 -28.47 8.68
C LEU A 6 -1.86 -28.61 7.47
N SER A 7 -1.81 -27.62 6.59
CA SER A 7 -2.65 -27.63 5.36
C SER A 7 -2.08 -28.55 4.30
N LEU A 8 -0.81 -28.90 4.45
CA LEU A 8 -0.13 -29.71 3.47
C LEU A 8 -0.91 -31.01 3.22
N ASP A 9 -1.11 -31.33 1.95
CA ASP A 9 -1.70 -32.60 1.56
C ASP A 9 -0.54 -33.44 1.04
N GLN A 10 -0.20 -34.48 1.79
CA GLN A 10 0.95 -35.31 1.44
C GLN A 10 0.91 -35.92 0.02
N ARG A 11 -0.26 -36.31 -0.47
CA ARG A 11 -0.34 -36.88 -1.81
CA ARG A 11 -0.32 -36.88 -1.81
C ARG A 11 0.02 -35.81 -2.85
N ILE A 12 -0.46 -34.58 -2.64
CA ILE A 12 -0.14 -33.47 -3.57
C ILE A 12 1.34 -33.09 -3.45
N GLN A 13 1.86 -33.05 -2.23
CA GLN A 13 3.24 -32.72 -2.02
C GLN A 13 4.19 -33.68 -2.76
N THR A 14 3.87 -34.97 -2.70
CA THR A 14 4.65 -36.01 -3.37
C THR A 14 4.58 -35.88 -4.89
N LEU A 15 3.38 -35.69 -5.40
CA LEU A 15 3.20 -35.41 -6.82
C LEU A 15 4.00 -34.20 -7.28
N ALA A 16 3.88 -33.09 -6.54
CA ALA A 16 4.58 -31.85 -6.89
C ALA A 16 6.07 -32.04 -6.93
N TYR A 17 6.58 -32.69 -5.90
CA TYR A 17 8.01 -32.86 -5.76
C TYR A 17 8.55 -33.79 -6.86
N GLU A 18 7.79 -34.83 -7.20
CA GLU A 18 8.26 -35.78 -8.21
C GLU A 18 8.25 -35.14 -9.59
N GLU A 19 7.13 -34.52 -9.95
CA GLU A 19 7.01 -33.91 -11.27
C GLU A 19 7.98 -32.74 -11.44
N LEU A 20 8.20 -31.96 -10.40
CA LEU A 20 9.14 -30.85 -10.47
C LEU A 20 10.55 -31.35 -10.78
N ASN A 21 11.00 -32.33 -10.01
CA ASN A 21 12.38 -32.80 -10.16
C ASN A 21 12.59 -33.49 -11.50
N LYS A 22 11.57 -34.18 -12.00
CA LYS A 22 11.65 -34.76 -13.34
C LYS A 22 11.77 -33.73 -14.47
N ALA A 23 11.01 -32.64 -14.41
CA ALA A 23 11.10 -31.56 -15.40
C ALA A 23 12.46 -30.88 -15.36
N VAL A 24 12.94 -30.61 -14.15
CA VAL A 24 14.26 -30.01 -13.98
C VAL A 24 15.36 -30.91 -14.59
N GLU A 25 15.26 -32.21 -14.37
CA GLU A 25 16.17 -33.17 -15.01
C GLU A 25 16.02 -33.16 -16.55
N TYR A 26 14.80 -33.31 -17.03
CA TYR A 26 14.57 -33.34 -18.48
C TYR A 26 15.11 -32.10 -19.21
N HIS A 27 14.91 -30.91 -18.65
CA HIS A 27 15.39 -29.66 -19.23
C HIS A 27 16.81 -29.25 -18.79
N GLN A 28 17.46 -30.13 -18.05
CA GLN A 28 18.82 -29.88 -17.57
C GLN A 28 18.92 -28.48 -16.98
N ALA A 29 18.01 -28.19 -16.06
CA ALA A 29 17.88 -26.89 -15.45
C ALA A 29 18.70 -26.89 -14.19
N LYS A 30 18.93 -25.71 -13.65
CA LYS A 30 19.71 -25.51 -12.43
C LYS A 30 18.91 -25.82 -11.15
N ALA A 31 17.65 -25.43 -11.13
CA ALA A 31 16.77 -25.61 -9.98
C ALA A 31 15.31 -25.32 -10.35
N GLY A 32 14.41 -25.58 -9.41
CA GLY A 32 13.01 -25.23 -9.60
C GLY A 32 12.24 -25.27 -8.31
N THR A 33 11.01 -24.75 -8.39
CA THR A 33 10.15 -24.58 -7.23
C THR A 33 8.71 -24.75 -7.67
N VAL A 34 7.87 -25.29 -6.80
CA VAL A 34 6.43 -25.38 -7.09
CA VAL A 34 6.43 -25.44 -7.08
C VAL A 34 5.66 -25.04 -5.83
N VAL A 35 4.56 -24.30 -6.03
CA VAL A 35 3.64 -23.96 -4.94
C VAL A 35 2.27 -24.45 -5.39
N VAL A 36 1.55 -25.19 -4.53
CA VAL A 36 0.15 -25.53 -4.77
C VAL A 36 -0.73 -24.94 -3.64
N LEU A 37 -1.73 -24.13 -4.00
CA LEU A 37 -2.65 -23.47 -3.05
C LEU A 37 -4.08 -23.92 -3.24
N ASP A 38 -4.84 -23.92 -2.14
CA ASP A 38 -6.29 -23.91 -2.23
C ASP A 38 -6.72 -22.51 -2.69
N ALA A 39 -7.39 -22.44 -3.83
CA ALA A 39 -7.73 -21.16 -4.49
C ALA A 39 -8.77 -20.32 -3.78
N ARG A 40 -9.52 -20.94 -2.87
CA ARG A 40 -10.58 -20.27 -2.11
C ARG A 40 -10.22 -19.90 -0.67
N THR A 41 -9.21 -20.57 -0.10
CA THR A 41 -8.83 -20.35 1.31
C THR A 41 -7.40 -19.85 1.50
N GLY A 42 -6.53 -20.05 0.52
CA GLY A 42 -5.14 -19.71 0.65
C GLY A 42 -4.29 -20.71 1.40
N GLU A 43 -4.89 -21.85 1.77
CA GLU A 43 -4.12 -22.91 2.40
C GLU A 43 -3.09 -23.43 1.40
N ILE A 44 -1.87 -23.61 1.90
CA ILE A 44 -0.76 -24.08 1.12
C ILE A 44 -0.79 -25.61 1.14
N LEU A 45 -1.13 -26.21 0.02
CA LEU A 45 -1.28 -27.66 -0.08
C LEU A 45 0.05 -28.35 -0.38
N ALA A 46 0.92 -27.65 -1.10
CA ALA A 46 2.22 -28.19 -1.36
C ALA A 46 3.21 -27.10 -1.65
N LEU A 47 4.45 -27.37 -1.24
CA LEU A 47 5.56 -26.45 -1.38
CA LEU A 47 5.56 -26.46 -1.45
C LEU A 47 6.79 -27.32 -1.65
N ALA A 48 7.31 -27.34 -2.89
CA ALA A 48 8.41 -28.26 -3.20
C ALA A 48 9.53 -27.53 -3.90
N ASN A 49 10.74 -27.97 -3.62
CA ASN A 49 11.95 -27.39 -4.20
C ASN A 49 12.84 -28.50 -4.70
N THR A 50 13.78 -28.13 -5.58
CA THR A 50 14.88 -29.05 -5.89
C THR A 50 15.82 -29.02 -4.71
N PRO A 51 16.64 -30.08 -4.53
CA PRO A 51 17.54 -30.15 -3.38
C PRO A 51 18.25 -28.85 -3.09
N GLY A 52 18.28 -28.46 -1.82
CA GLY A 52 18.94 -27.24 -1.38
C GLY A 52 18.05 -26.40 -0.46
N ARG A 53 18.18 -25.09 -0.54
CA ARG A 53 17.37 -24.21 0.28
C ARG A 53 15.88 -24.18 -0.16
N ASN A 54 15.04 -23.59 0.69
CA ASN A 54 13.62 -23.48 0.42
C ASN A 54 13.39 -22.26 -0.48
N ARG A 55 13.67 -22.45 -1.76
CA ARG A 55 13.67 -21.37 -2.76
C ARG A 55 12.30 -20.71 -2.93
N ALA A 56 11.24 -21.48 -2.70
CA ALA A 56 9.86 -20.98 -2.80
C ALA A 56 9.62 -19.77 -1.91
N VAL A 57 10.29 -19.73 -0.77
CA VAL A 57 10.15 -18.61 0.14
C VAL A 57 11.36 -17.70 0.21
N THR A 58 12.55 -18.24 -0.05
CA THR A 58 13.76 -17.46 0.11
C THR A 58 14.17 -16.70 -1.14
N ASP A 59 13.84 -17.21 -2.32
CA ASP A 59 14.43 -16.63 -3.53
C ASP A 59 13.56 -15.57 -4.20
N MET A 60 14.12 -14.36 -4.31
CA MET A 60 13.45 -13.29 -5.02
CA MET A 60 13.52 -13.23 -5.03
C MET A 60 13.66 -13.47 -6.52
N ILE A 61 12.57 -13.45 -7.28
CA ILE A 61 12.62 -13.54 -8.74
C ILE A 61 11.89 -12.33 -9.33
N GLU A 62 12.14 -12.05 -10.60
CA GLU A 62 11.34 -11.09 -11.32
C GLU A 62 10.07 -11.83 -11.76
N PRO A 63 8.90 -11.21 -11.56
CA PRO A 63 7.68 -11.91 -11.94
C PRO A 63 7.56 -12.07 -13.47
N GLY A 64 8.24 -11.23 -14.24
CA GLY A 64 8.06 -11.23 -15.69
C GLY A 64 6.59 -11.11 -16.09
N SER A 65 6.18 -11.90 -17.07
CA SER A 65 4.82 -11.74 -17.62
C SER A 65 3.73 -12.25 -16.70
N ALA A 66 4.10 -12.91 -15.61
CA ALA A 66 3.13 -13.36 -14.60
C ALA A 66 2.51 -12.19 -13.82
N ILE A 67 3.05 -10.98 -13.97
CA ILE A 67 2.42 -9.76 -13.43
C ILE A 67 1.31 -9.21 -14.32
N LYS A 68 1.28 -9.60 -15.60
CA LYS A 68 0.37 -8.95 -16.56
C LYS A 68 -1.13 -9.12 -16.24
N PRO A 69 -1.55 -10.31 -15.72
CA PRO A 69 -2.95 -10.41 -15.42
C PRO A 69 -3.43 -9.35 -14.42
N PHE A 70 -2.56 -8.91 -13.52
CA PHE A 70 -2.94 -7.92 -12.53
C PHE A 70 -3.02 -6.53 -13.13
N VAL A 71 -2.11 -6.21 -14.06
CA VAL A 71 -2.15 -4.92 -14.75
C VAL A 71 -3.42 -4.81 -15.58
N ILE A 72 -3.73 -5.89 -16.29
CA ILE A 72 -4.95 -5.95 -17.09
C ILE A 72 -6.21 -5.87 -16.22
N ALA A 73 -6.25 -6.66 -15.15
CA ALA A 73 -7.36 -6.58 -14.17
C ALA A 73 -7.60 -5.14 -13.66
N LYS A 74 -6.53 -4.45 -13.30
CA LYS A 74 -6.61 -3.14 -12.70
C LYS A 74 -7.17 -2.12 -13.71
N ALA A 75 -6.68 -2.18 -14.94
CA ALA A 75 -7.22 -1.39 -16.05
C ALA A 75 -8.71 -1.63 -16.31
N LEU A 76 -9.18 -2.87 -16.26
CA LEU A 76 -10.58 -3.18 -16.46
C LEU A 76 -11.39 -2.75 -15.25
N ASP A 77 -10.84 -2.95 -14.06
CA ASP A 77 -11.52 -2.60 -12.79
C ASP A 77 -11.78 -1.09 -12.72
N ALA A 78 -10.78 -0.30 -13.06
CA ALA A 78 -10.91 1.15 -13.05
C ALA A 78 -11.60 1.72 -14.30
N GLY A 79 -11.96 0.88 -15.26
CA GLY A 79 -12.64 1.37 -16.46
C GLY A 79 -11.73 2.11 -17.42
N LYS A 80 -10.42 1.91 -17.31
CA LYS A 80 -9.44 2.46 -18.28
C LYS A 80 -9.43 1.74 -19.63
N THR A 81 -9.92 0.51 -19.66
CA THR A 81 -10.15 -0.20 -20.90
C THR A 81 -11.37 -1.10 -20.73
N ASP A 82 -11.70 -1.81 -21.81
CA ASP A 82 -12.80 -2.73 -21.81
C ASP A 82 -12.50 -3.87 -22.78
N LEU A 83 -13.42 -4.83 -22.85
CA LEU A 83 -13.23 -6.00 -23.69
C LEU A 83 -13.33 -5.71 -25.20
N ASN A 84 -13.82 -4.52 -25.55
CA ASN A 84 -13.99 -4.11 -26.95
C ASN A 84 -12.76 -3.41 -27.51
N GLU A 85 -12.02 -2.68 -26.69
CA GLU A 85 -10.91 -1.86 -27.20
C GLU A 85 -9.83 -2.69 -27.90
N ARG A 86 -9.44 -2.28 -29.10
CA ARG A 86 -8.31 -2.85 -29.81
C ARG A 86 -7.21 -1.83 -29.70
N LEU A 87 -6.10 -2.21 -29.08
CA LEU A 87 -5.00 -1.29 -28.85
C LEU A 87 -4.00 -1.49 -29.93
N ASN A 88 -3.47 -0.39 -30.45
CA ASN A 88 -2.30 -0.41 -31.28
C ASN A 88 -1.14 -1.01 -30.50
N THR A 89 -0.55 -2.11 -31.00
CA THR A 89 0.53 -2.78 -30.28
C THR A 89 1.87 -2.76 -31.05
N GLN A 90 2.06 -1.72 -31.88
CA GLN A 90 3.34 -1.48 -32.53
C GLN A 90 4.42 -1.22 -31.48
N PRO A 91 5.61 -1.81 -31.65
CA PRO A 91 6.70 -1.55 -30.72
C PRO A 91 7.27 -0.15 -30.81
N TYR A 92 7.97 0.28 -29.77
CA TYR A 92 8.55 1.60 -29.76
C TYR A 92 9.73 1.62 -28.79
N LYS A 93 10.38 2.77 -28.66
CA LYS A 93 11.55 2.90 -27.78
C LYS A 93 11.44 4.17 -26.98
N ILE A 94 12.07 4.22 -25.83
CA ILE A 94 12.32 5.48 -25.12
C ILE A 94 13.81 5.52 -24.86
N GLY A 95 14.53 6.45 -25.50
CA GLY A 95 15.99 6.46 -25.45
C GLY A 95 16.49 5.10 -25.92
N PRO A 96 17.38 4.46 -25.15
CA PRO A 96 17.91 3.16 -25.56
C PRO A 96 16.96 1.98 -25.29
N SER A 97 15.85 2.19 -24.59
CA SER A 97 15.03 1.07 -24.14
C SER A 97 13.89 0.77 -25.10
N PRO A 98 13.84 -0.45 -25.63
CA PRO A 98 12.69 -0.82 -26.42
C PRO A 98 11.55 -1.29 -25.56
N VAL A 99 10.34 -1.18 -26.09
CA VAL A 99 9.16 -1.77 -25.53
C VAL A 99 8.62 -2.56 -26.71
N ARG A 100 8.81 -3.88 -26.66
CA ARG A 100 8.51 -4.72 -27.81
CA ARG A 100 8.56 -4.72 -27.82
C ARG A 100 8.09 -6.12 -27.42
N ASP A 101 7.28 -6.74 -28.28
CA ASP A 101 6.77 -8.10 -28.12
C ASP A 101 7.67 -9.08 -28.88
N THR A 102 7.35 -10.36 -28.76
CA THR A 102 8.01 -11.40 -29.54
C THR A 102 7.75 -11.26 -31.05
N HIS A 103 6.57 -10.76 -31.42
CA HIS A 103 6.22 -10.45 -32.81
C HIS A 103 5.65 -9.05 -32.92
N VAL A 104 5.53 -8.55 -34.13
CA VAL A 104 4.88 -7.26 -34.35
C VAL A 104 3.39 -7.48 -34.62
N TYR A 105 2.59 -7.34 -33.57
CA TYR A 105 1.15 -7.42 -33.70
C TYR A 105 0.65 -6.01 -33.95
N PRO A 106 -0.01 -5.76 -35.09
CA PRO A 106 -0.43 -4.39 -35.35
C PRO A 106 -1.40 -3.89 -34.30
N SER A 107 -2.33 -4.75 -33.88
CA SER A 107 -3.26 -4.46 -32.80
C SER A 107 -3.78 -5.72 -32.10
N LEU A 108 -4.14 -5.59 -30.82
CA LEU A 108 -4.73 -6.66 -30.02
C LEU A 108 -5.78 -6.10 -29.09
N ASP A 109 -6.85 -6.85 -28.86
CA ASP A 109 -7.75 -6.52 -27.77
C ASP A 109 -7.15 -7.08 -26.46
N VAL A 110 -7.80 -6.87 -25.32
CA VAL A 110 -7.23 -7.29 -24.03
C VAL A 110 -7.05 -8.83 -23.95
N ARG A 111 -7.99 -9.56 -24.55
CA ARG A 111 -7.84 -11.01 -24.70
C ARG A 111 -6.55 -11.36 -25.39
N GLY A 112 -6.28 -10.69 -26.52
CA GLY A 112 -5.06 -10.94 -27.26
C GLY A 112 -3.81 -10.63 -26.47
N ILE A 113 -3.84 -9.51 -25.76
CA ILE A 113 -2.73 -9.10 -24.92
C ILE A 113 -2.36 -10.24 -23.96
N MET A 114 -3.36 -10.84 -23.34
CA MET A 114 -3.16 -11.95 -22.41
C MET A 114 -2.67 -13.22 -23.12
N GLN A 115 -3.39 -13.58 -24.17
CA GLN A 115 -3.17 -14.78 -24.95
C GLN A 115 -1.76 -14.86 -25.53
N LYS A 116 -1.30 -13.77 -26.14
CA LYS A 116 0.01 -13.70 -26.79
C LYS A 116 1.13 -13.18 -25.90
N SER A 117 0.79 -12.73 -24.70
CA SER A 117 1.73 -12.07 -23.79
C SER A 117 2.39 -10.83 -24.43
N SER A 118 1.57 -9.86 -24.83
CA SER A 118 2.07 -8.59 -25.38
C SER A 118 2.59 -7.63 -24.30
N ASN A 119 3.90 -7.41 -24.30
CA ASN A 119 4.52 -6.41 -23.43
C ASN A 119 4.08 -4.99 -23.81
N VAL A 120 3.95 -4.75 -25.10
CA VAL A 120 3.53 -3.42 -25.58
C VAL A 120 2.12 -3.08 -25.08
N GLY A 121 1.20 -4.02 -25.27
CA GLY A 121 -0.19 -3.88 -24.83
C GLY A 121 -0.27 -3.65 -23.34
N THR A 122 0.43 -4.48 -22.57
CA THR A 122 0.42 -4.30 -21.10
C THR A 122 0.96 -2.93 -20.67
N SER A 123 2.05 -2.48 -21.30
CA SER A 123 2.65 -1.22 -20.97
C SER A 123 1.72 -0.05 -21.20
N LYS A 124 0.91 -0.13 -22.26
CA LYS A 124 0.01 0.93 -22.61
C LYS A 124 -1.14 1.04 -21.63
N LEU A 125 -1.61 -0.11 -21.12
CA LEU A 125 -2.66 -0.11 -20.12
C LEU A 125 -2.15 0.45 -18.81
N SER A 126 -0.94 0.04 -18.43
CA SER A 126 -0.28 0.54 -17.24
C SER A 126 -0.09 2.06 -17.31
N ALA A 127 0.24 2.56 -18.49
CA ALA A 127 0.57 3.99 -18.68
C ALA A 127 -0.66 4.88 -18.46
N ARG A 128 -1.85 4.28 -18.36
CA ARG A 128 -3.08 5.00 -18.10
C ARG A 128 -3.27 5.35 -16.62
N PHE A 129 -2.34 4.89 -15.78
CA PHE A 129 -2.33 5.16 -14.36
C PHE A 129 -1.09 5.96 -14.04
N GLY A 130 -1.16 6.75 -12.98
CA GLY A 130 -0.01 7.48 -12.48
C GLY A 130 0.96 6.55 -11.81
N ALA A 131 2.21 7.01 -11.68
CA ALA A 131 3.26 6.25 -11.06
C ALA A 131 2.98 5.85 -9.61
N GLU A 132 2.54 6.82 -8.82
CA GLU A 132 2.27 6.57 -7.40
C GLU A 132 1.13 5.57 -7.24
N GLU A 133 0.09 5.71 -8.07
CA GLU A 133 -1.01 4.77 -8.11
C GLU A 133 -0.52 3.35 -8.38
N MET A 134 0.37 3.19 -9.34
CA MET A 134 0.85 1.86 -9.70
C MET A 134 1.74 1.31 -8.60
N TYR A 135 2.54 2.18 -7.99
CA TYR A 135 3.34 1.77 -6.87
C TYR A 135 2.47 1.20 -5.73
N ASP A 136 1.43 1.93 -5.37
CA ASP A 136 0.53 1.46 -4.29
C ASP A 136 -0.17 0.15 -4.67
N PHE A 137 -0.55 0.01 -5.94
CA PHE A 137 -1.13 -1.23 -6.46
C PHE A 137 -0.18 -2.42 -6.31
N TYR A 138 1.08 -2.28 -6.74
CA TYR A 138 2.04 -3.37 -6.54
C TYR A 138 2.23 -3.69 -5.05
N HIS A 139 2.28 -2.66 -4.21
CA HIS A 139 2.36 -2.87 -2.78
C HIS A 139 1.11 -3.62 -2.26
N GLU A 140 -0.07 -3.32 -2.79
CA GLU A 140 -1.32 -3.97 -2.35
C GLU A 140 -1.39 -5.47 -2.73
N LEU A 141 -0.74 -5.84 -3.83
CA LEU A 141 -0.56 -7.23 -4.19
C LEU A 141 0.38 -7.98 -3.26
N GLY A 142 1.09 -7.25 -2.43
CA GLY A 142 2.02 -7.83 -1.49
C GLY A 142 3.49 -7.74 -1.84
N ILE A 143 3.81 -7.07 -2.95
CA ILE A 143 5.19 -6.97 -3.39
C ILE A 143 5.94 -6.04 -2.46
N GLY A 144 7.03 -6.55 -1.89
CA GLY A 144 7.78 -5.80 -0.87
C GLY A 144 7.25 -6.00 0.52
N VAL A 145 6.24 -6.87 0.68
CA VAL A 145 5.66 -7.13 1.99
C VAL A 145 5.98 -8.59 2.40
N ARG A 146 6.84 -8.76 3.41
CA ARG A 146 7.24 -10.09 3.93
C ARG A 146 6.07 -11.01 4.23
N MET A 147 6.24 -12.29 3.92
CA MET A 147 5.20 -13.28 4.16
C MET A 147 5.15 -13.71 5.64
N HIS A 148 6.25 -13.54 6.39
CA HIS A 148 6.36 -14.08 7.75
C HIS A 148 5.91 -15.55 7.84
N SER A 149 6.46 -16.34 6.91
CA SER A 149 6.27 -17.78 6.83
C SER A 149 6.74 -18.54 8.07
N GLY A 150 7.72 -18.00 8.80
CA GLY A 150 8.39 -18.76 9.86
C GLY A 150 9.73 -19.32 9.43
N PHE A 151 10.00 -19.40 8.12
CA PHE A 151 11.26 -19.93 7.62
C PHE A 151 12.36 -18.88 7.67
N PRO A 152 13.57 -19.31 8.00
CA PRO A 152 14.67 -18.33 7.99
C PRO A 152 15.08 -17.95 6.55
N GLY A 153 15.75 -16.81 6.41
CA GLY A 153 16.25 -16.34 5.11
C GLY A 153 15.19 -15.68 4.21
N GLU A 154 14.06 -15.34 4.78
CA GLU A 154 12.96 -14.76 4.03
C GLU A 154 13.13 -13.25 4.01
N THR A 155 13.02 -12.66 2.81
CA THR A 155 13.03 -11.22 2.63
C THR A 155 11.68 -10.75 2.08
N ALA A 156 11.49 -9.43 2.11
CA ALA A 156 10.24 -8.82 1.71
C ALA A 156 10.06 -8.76 0.19
N GLY A 157 11.17 -8.80 -0.55
CA GLY A 157 11.11 -8.57 -1.99
C GLY A 157 11.39 -7.11 -2.26
N LEU A 158 11.30 -6.69 -3.53
CA LEU A 158 11.72 -5.35 -3.93
C LEU A 158 10.66 -4.64 -4.73
N LEU A 159 10.29 -3.47 -4.22
CA LEU A 159 9.42 -2.50 -4.88
C LEU A 159 10.10 -1.16 -4.70
N ARG A 160 10.73 -0.66 -5.75
CA ARG A 160 11.39 0.63 -5.72
C ARG A 160 10.39 1.77 -5.56
N ASN A 161 10.78 2.74 -4.73
CA ASN A 161 10.01 3.95 -4.43
C ASN A 161 9.67 4.72 -5.73
N TRP A 162 8.38 4.98 -5.94
CA TRP A 162 7.88 5.68 -7.13
C TRP A 162 8.54 7.01 -7.44
N ARG A 163 9.05 7.70 -6.41
CA ARG A 163 9.67 9.00 -6.62
C ARG A 163 10.98 8.86 -7.39
N ARG A 164 11.55 7.67 -7.40
CA ARG A 164 12.80 7.37 -8.07
C ARG A 164 12.61 6.94 -9.52
N TRP A 165 11.41 6.54 -9.91
CA TRP A 165 11.19 5.92 -11.23
C TRP A 165 11.52 6.83 -12.40
N ARG A 166 12.30 6.33 -13.34
CA ARG A 166 12.48 7.01 -14.64
C ARG A 166 11.26 6.73 -15.55
N PRO A 167 11.08 7.54 -16.62
CA PRO A 167 9.95 7.41 -17.55
C PRO A 167 9.65 5.97 -18.02
N ILE A 168 10.70 5.24 -18.36
CA ILE A 168 10.61 3.87 -18.86
C ILE A 168 10.20 2.83 -17.81
N GLU A 169 10.51 3.10 -16.54
CA GLU A 169 10.39 2.09 -15.49
C GLU A 169 8.97 1.61 -15.23
N GLN A 170 8.01 2.50 -15.16
CA GLN A 170 6.65 2.05 -14.97
C GLN A 170 6.28 1.10 -16.12
N ALA A 171 6.70 1.44 -17.33
CA ALA A 171 6.40 0.60 -18.49
C ALA A 171 7.01 -0.81 -18.35
N THR A 172 8.28 -0.88 -17.98
CA THR A 172 8.96 -2.17 -17.90
C THR A 172 8.54 -3.00 -16.66
N MET A 173 8.06 -2.32 -15.62
CA MET A 173 7.48 -3.00 -14.47
C MET A 173 6.22 -3.74 -14.83
N SER A 174 5.46 -3.19 -15.76
CA SER A 174 4.21 -3.78 -16.20
C SER A 174 4.36 -5.12 -16.93
N PHE A 175 5.54 -5.42 -17.45
CA PHE A 175 5.83 -6.78 -17.91
C PHE A 175 6.93 -7.44 -17.08
N GLY A 176 7.06 -6.96 -15.86
CA GLY A 176 7.71 -7.73 -14.82
C GLY A 176 9.18 -7.54 -14.57
N TYR A 177 9.78 -6.49 -15.14
CA TYR A 177 11.17 -6.09 -14.81
C TYR A 177 11.26 -5.23 -13.56
N GLY A 178 12.32 -5.38 -12.79
CA GLY A 178 12.57 -4.46 -11.69
C GLY A 178 11.83 -4.74 -10.38
N LEU A 179 10.69 -5.44 -10.44
CA LEU A 179 9.99 -5.93 -9.24
C LEU A 179 10.62 -7.25 -8.87
N GLN A 180 10.69 -7.56 -7.59
CA GLN A 180 11.16 -8.87 -7.15
C GLN A 180 10.25 -9.42 -6.04
N LEU A 181 9.92 -10.70 -6.14
CA LEU A 181 9.12 -11.36 -5.14
C LEU A 181 9.44 -12.85 -5.17
N SER A 182 9.03 -13.56 -4.13
CA SER A 182 9.24 -15.01 -4.09
C SER A 182 8.11 -15.68 -4.85
N LEU A 183 8.29 -16.95 -5.23
CA LEU A 183 7.19 -17.68 -5.87
C LEU A 183 5.96 -17.76 -4.97
N LEU A 184 6.16 -17.93 -3.66
CA LEU A 184 5.05 -17.90 -2.74
C LEU A 184 4.26 -16.56 -2.76
N GLN A 185 4.97 -15.42 -2.74
CA GLN A 185 4.33 -14.08 -2.88
C GLN A 185 3.54 -13.98 -4.21
N LEU A 186 4.11 -14.53 -5.28
CA LEU A 186 3.47 -14.47 -6.60
C LEU A 186 2.23 -15.33 -6.64
N ALA A 187 2.33 -16.57 -6.14
CA ALA A 187 1.19 -17.46 -6.02
C ALA A 187 0.10 -16.83 -5.16
N ARG A 188 0.49 -16.22 -4.05
CA ARG A 188 -0.48 -15.51 -3.25
C ARG A 188 -1.31 -14.48 -4.03
N ALA A 189 -0.65 -13.66 -4.84
CA ALA A 189 -1.36 -12.65 -5.65
C ALA A 189 -2.47 -13.24 -6.50
N TYR A 190 -2.28 -14.46 -7.00
CA TYR A 190 -3.28 -15.10 -7.83
C TYR A 190 -4.57 -15.42 -7.11
N THR A 191 -4.54 -15.44 -5.77
CA THR A 191 -5.77 -15.61 -5.03
C THR A 191 -6.76 -14.46 -5.26
N ALA A 192 -6.29 -13.24 -5.52
CA ALA A 192 -7.17 -12.14 -5.88
C ALA A 192 -7.95 -12.44 -7.15
N LEU A 193 -7.40 -13.24 -8.07
CA LEU A 193 -8.14 -13.62 -9.28
C LEU A 193 -9.09 -14.80 -9.03
N THR A 194 -8.65 -15.75 -8.21
CA THR A 194 -9.43 -16.96 -7.99
C THR A 194 -10.54 -16.78 -6.96
N HIS A 195 -10.26 -16.02 -5.91
CA HIS A 195 -11.21 -15.76 -4.83
C HIS A 195 -12.01 -14.48 -5.12
N ASP A 196 -12.38 -14.29 -6.39
CA ASP A 196 -13.36 -13.31 -6.81
C ASP A 196 -13.01 -11.86 -6.45
N GLY A 197 -11.73 -11.48 -6.61
CA GLY A 197 -11.27 -10.15 -6.34
C GLY A 197 -10.66 -9.90 -4.98
N VAL A 198 -10.66 -10.93 -4.14
CA VAL A 198 -10.20 -10.82 -2.76
C VAL A 198 -8.88 -11.55 -2.55
N LEU A 199 -7.83 -10.78 -2.30
CA LEU A 199 -6.53 -11.35 -1.92
C LEU A 199 -6.54 -12.04 -0.55
N LEU A 200 -5.97 -13.24 -0.48
CA LEU A 200 -5.92 -14.03 0.75
C LEU A 200 -4.52 -14.02 1.34
N PRO A 201 -4.42 -14.16 2.67
CA PRO A 201 -3.12 -14.10 3.31
C PRO A 201 -2.18 -15.31 3.07
N LEU A 202 -2.77 -16.48 2.81
CA LEU A 202 -2.08 -17.78 2.80
C LEU A 202 -1.86 -18.31 4.21
N SER A 203 -1.89 -19.64 4.35
CA SER A 203 -1.75 -20.24 5.65
C SER A 203 -1.12 -21.60 5.52
N PHE A 204 -0.30 -21.97 6.49
CA PHE A 204 0.20 -23.32 6.60
C PHE A 204 -0.73 -24.19 7.43
N GLU A 205 -1.77 -23.60 8.03
CA GLU A 205 -2.74 -24.35 8.83
C GLU A 205 -4.04 -24.53 8.10
N LYS A 206 -4.70 -25.67 8.30
CA LYS A 206 -6.05 -25.85 7.82
C LYS A 206 -7.01 -24.77 8.35
N GLN A 207 -7.91 -24.34 7.49
CA GLN A 207 -8.81 -23.25 7.75
C GLN A 207 -10.22 -23.79 7.65
N ALA A 208 -11.02 -23.58 8.71
CA ALA A 208 -12.43 -23.99 8.74
C ALA A 208 -13.29 -23.03 7.95
N VAL A 209 -12.79 -21.81 7.79
CA VAL A 209 -13.47 -20.80 7.01
C VAL A 209 -12.39 -19.90 6.37
N ALA A 210 -12.59 -19.51 5.12
CA ALA A 210 -11.68 -18.57 4.46
C ALA A 210 -11.42 -17.38 5.36
N PRO A 211 -10.14 -17.06 5.55
CA PRO A 211 -9.80 -15.83 6.24
C PRO A 211 -10.39 -14.60 5.55
N GLN A 212 -10.47 -13.53 6.32
CA GLN A 212 -10.79 -12.26 5.72
C GLN A 212 -9.48 -11.85 5.03
N GLY A 213 -9.69 -11.47 3.81
CA GLY A 213 -8.65 -11.02 2.96
C GLY A 213 -8.84 -9.55 2.77
N LYS A 214 -8.50 -9.10 1.58
CA LYS A 214 -8.59 -7.67 1.25
C LYS A 214 -9.06 -7.60 -0.18
N ARG A 215 -10.08 -6.79 -0.46
CA ARG A 215 -10.56 -6.67 -1.82
C ARG A 215 -9.59 -5.84 -2.66
N ILE A 216 -9.20 -6.39 -3.83
CA ILE A 216 -8.40 -5.67 -4.82
C ILE A 216 -9.20 -5.33 -6.08
N PHE A 217 -10.06 -6.25 -6.49
CA PHE A 217 -10.84 -6.09 -7.71
C PHE A 217 -12.28 -6.39 -7.37
N LYS A 218 -13.18 -5.83 -8.18
CA LYS A 218 -14.59 -6.28 -8.22
C LYS A 218 -14.71 -7.75 -8.64
N GLU A 219 -15.69 -8.44 -8.07
CA GLU A 219 -15.98 -9.83 -8.45
C GLU A 219 -16.08 -9.97 -9.96
N SER A 220 -16.81 -9.05 -10.58
CA SER A 220 -17.03 -9.10 -12.01
C SER A 220 -15.70 -8.99 -12.81
N THR A 221 -14.80 -8.12 -12.37
CA THR A 221 -13.49 -8.03 -12.99
C THR A 221 -12.71 -9.36 -12.93
N ALA A 222 -12.69 -9.96 -11.74
CA ALA A 222 -11.96 -11.19 -11.51
C ALA A 222 -12.54 -12.28 -12.39
N ARG A 223 -13.88 -12.33 -12.46
CA ARG A 223 -14.55 -13.28 -13.35
C ARG A 223 -14.19 -13.10 -14.82
N GLU A 224 -14.16 -11.86 -15.31
CA GLU A 224 -13.79 -11.64 -16.70
C GLU A 224 -12.33 -11.96 -16.96
N VAL A 225 -11.44 -11.62 -16.02
CA VAL A 225 -10.01 -11.88 -16.19
C VAL A 225 -9.72 -13.38 -16.19
N ARG A 226 -10.41 -14.13 -15.33
CA ARG A 226 -10.22 -15.58 -15.35
C ARG A 226 -10.58 -16.17 -16.72
N ASN A 227 -11.65 -15.67 -17.33
CA ASN A 227 -12.08 -16.15 -18.66
C ASN A 227 -11.06 -15.78 -19.73
N LEU A 228 -10.51 -14.57 -19.66
CA LEU A 228 -9.42 -14.15 -20.56
C LEU A 228 -8.21 -15.07 -20.43
N MET A 229 -7.91 -15.50 -19.21
CA MET A 229 -6.76 -16.35 -18.98
C MET A 229 -6.89 -17.79 -19.53
N VAL A 230 -8.12 -18.24 -19.76
CA VAL A 230 -8.34 -19.52 -20.42
C VAL A 230 -7.77 -19.52 -21.84
N SER A 231 -7.70 -18.34 -22.46
CA SER A 231 -7.13 -18.22 -23.81
C SER A 231 -5.64 -18.62 -23.87
N VAL A 232 -4.94 -18.57 -22.75
CA VAL A 232 -3.52 -18.90 -22.68
C VAL A 232 -3.28 -20.39 -22.90
N THR A 233 -4.23 -21.22 -22.49
CA THR A 233 -4.09 -22.68 -22.57
C THR A 233 -4.86 -23.25 -23.74
N GLU A 234 -5.54 -22.43 -24.51
CA GLU A 234 -6.26 -22.88 -25.68
C GLU A 234 -5.44 -22.60 -26.93
N PRO A 235 -5.74 -23.30 -28.03
CA PRO A 235 -5.01 -22.98 -29.28
C PRO A 235 -4.99 -21.49 -29.58
N GLY A 236 -3.80 -20.95 -29.87
CA GLY A 236 -3.61 -19.52 -30.06
C GLY A 236 -2.81 -18.91 -28.91
N GLY A 237 -2.76 -19.61 -27.78
CA GLY A 237 -2.12 -19.11 -26.59
C GLY A 237 -0.70 -19.58 -26.44
N THR A 238 0.02 -18.90 -25.56
CA THR A 238 1.39 -19.27 -25.26
C THR A 238 1.51 -20.49 -24.38
N GLY A 239 0.42 -20.90 -23.75
CA GLY A 239 0.45 -21.93 -22.70
C GLY A 239 -0.37 -23.19 -22.94
N THR A 240 -0.48 -23.61 -24.19
CA THR A 240 -1.22 -24.83 -24.50
C THR A 240 -0.65 -26.10 -23.84
N ALA A 241 0.65 -26.12 -23.53
CA ALA A 241 1.24 -27.27 -22.86
C ALA A 241 0.69 -27.51 -21.44
N GLY A 242 0.00 -26.51 -20.87
CA GLY A 242 -0.56 -26.62 -19.56
C GLY A 242 -2.03 -26.98 -19.52
N ALA A 243 -2.65 -27.20 -20.68
CA ALA A 243 -4.03 -27.66 -20.71
C ALA A 243 -4.20 -29.00 -19.98
N VAL A 244 -5.33 -29.14 -19.29
CA VAL A 244 -5.64 -30.33 -18.49
C VAL A 244 -6.93 -30.96 -18.97
N ASP A 245 -6.90 -32.27 -19.23
CA ASP A 245 -8.05 -32.97 -19.76
C ASP A 245 -9.22 -32.88 -18.77
N GLY A 246 -10.41 -32.53 -19.28
CA GLY A 246 -11.63 -32.49 -18.44
C GLY A 246 -11.94 -31.14 -17.79
N PHE A 247 -11.06 -30.17 -17.97
CA PHE A 247 -11.14 -28.89 -17.31
C PHE A 247 -10.74 -27.73 -18.23
N ASP A 248 -11.29 -26.56 -17.96
CA ASP A 248 -10.79 -25.33 -18.50
C ASP A 248 -9.79 -24.76 -17.49
N VAL A 249 -8.63 -24.38 -17.98
CA VAL A 249 -7.54 -23.87 -17.11
C VAL A 249 -7.22 -22.44 -17.47
N GLY A 250 -7.26 -21.55 -16.48
CA GLY A 250 -6.80 -20.18 -16.73
C GLY A 250 -5.35 -20.15 -16.29
N ALA A 251 -4.45 -19.59 -17.10
CA ALA A 251 -3.04 -19.62 -16.78
C ALA A 251 -2.29 -18.42 -17.34
N LYS A 252 -1.06 -18.21 -16.87
CA LYS A 252 -0.18 -17.26 -17.49
C LYS A 252 1.25 -17.83 -17.52
N THR A 253 1.89 -17.69 -18.69
CA THR A 253 3.29 -18.06 -18.94
C THR A 253 4.17 -16.86 -18.65
N GLY A 254 5.38 -17.15 -18.22
CA GLY A 254 6.42 -16.16 -18.10
C GLY A 254 7.77 -16.70 -18.45
N THR A 255 8.57 -15.86 -19.11
CA THR A 255 9.95 -16.17 -19.43
C THR A 255 10.73 -14.92 -19.17
N ALA A 256 11.63 -14.99 -18.20
CA ALA A 256 12.38 -13.83 -17.74
C ALA A 256 13.85 -14.04 -18.06
N ARG A 257 14.46 -13.02 -18.66
CA ARG A 257 15.90 -13.01 -18.88
C ARG A 257 16.59 -12.88 -17.53
N LYS A 258 17.55 -13.76 -17.27
CA LYS A 258 18.31 -13.65 -16.03
C LYS A 258 19.25 -12.45 -16.09
N PHE A 259 19.32 -11.73 -14.96
CA PHE A 259 20.21 -10.61 -14.80
C PHE A 259 21.51 -11.20 -14.30
N VAL A 260 22.53 -11.25 -15.17
CA VAL A 260 23.82 -11.81 -14.79
C VAL A 260 24.98 -10.90 -15.25
N ASN A 261 25.87 -10.59 -14.32
CA ASN A 261 27.01 -9.69 -14.54
C ASN A 261 26.53 -8.32 -15.01
N GLY A 262 25.74 -7.67 -14.15
CA GLY A 262 25.12 -6.37 -14.46
C GLY A 262 24.50 -6.27 -15.85
N ARG A 263 24.03 -7.41 -16.37
CA ARG A 263 23.51 -7.52 -17.74
C ARG A 263 22.40 -8.57 -17.83
N TYR A 264 21.29 -8.21 -18.46
CA TYR A 264 20.28 -9.21 -18.78
C TYR A 264 20.77 -10.08 -19.92
N ALA A 265 20.78 -11.39 -19.71
CA ALA A 265 21.34 -12.35 -20.67
C ALA A 265 20.41 -12.66 -21.84
N ASP A 266 21.00 -12.86 -23.02
CA ASP A 266 20.22 -13.19 -24.21
C ASP A 266 19.80 -14.66 -24.28
N ASN A 267 20.50 -15.55 -23.57
CA ASN A 267 20.17 -16.99 -23.62
C ASN A 267 20.33 -17.69 -22.26
N LYS A 268 19.86 -17.03 -21.20
CA LYS A 268 19.76 -17.61 -19.88
C LYS A 268 18.47 -17.10 -19.23
N HIS A 269 17.58 -18.01 -18.86
CA HIS A 269 16.21 -17.64 -18.56
C HIS A 269 15.62 -18.31 -17.34
N VAL A 270 14.58 -17.71 -16.77
CA VAL A 270 13.73 -18.38 -15.78
C VAL A 270 12.34 -18.61 -16.39
N ALA A 271 11.91 -19.86 -16.40
CA ALA A 271 10.63 -20.24 -16.99
C ALA A 271 9.56 -20.42 -15.90
N THR A 272 8.40 -19.76 -16.08
CA THR A 272 7.33 -19.80 -15.09
C THR A 272 5.99 -20.11 -15.76
N PHE A 273 5.15 -20.84 -15.03
CA PHE A 273 3.79 -21.14 -15.46
C PHE A 273 2.97 -21.17 -14.19
N ILE A 274 1.92 -20.34 -14.17
CA ILE A 274 1.03 -20.28 -13.04
CA ILE A 274 1.01 -20.23 -13.03
C ILE A 274 -0.39 -20.36 -13.57
N GLY A 275 -1.21 -21.18 -12.94
CA GLY A 275 -2.57 -21.33 -13.37
C GLY A 275 -3.51 -21.86 -12.32
N PHE A 276 -4.77 -21.94 -12.68
CA PHE A 276 -5.82 -22.34 -11.74
C PHE A 276 -6.89 -23.09 -12.50
N ALA A 277 -7.61 -23.94 -11.79
CA ALA A 277 -8.72 -24.67 -12.37
C ALA A 277 -9.63 -25.09 -11.22
N PRO A 278 -10.91 -25.36 -11.48
CA PRO A 278 -11.59 -25.09 -12.77
C PRO A 278 -11.71 -23.60 -13.03
N ALA A 279 -11.47 -23.16 -14.26
CA ALA A 279 -11.34 -21.75 -14.53
C ALA A 279 -12.52 -20.89 -14.03
N LYS A 280 -13.75 -21.35 -14.21
CA LYS A 280 -14.94 -20.57 -13.81
C LYS A 280 -15.09 -20.46 -12.30
N ASN A 281 -14.78 -21.56 -11.61
CA ASN A 281 -14.97 -21.71 -10.16
C ASN A 281 -13.74 -22.38 -9.58
N PRO A 282 -12.60 -21.69 -9.61
CA PRO A 282 -11.35 -22.38 -9.31
C PRO A 282 -11.23 -22.90 -7.89
N ARG A 283 -10.59 -24.05 -7.76
CA ARG A 283 -10.34 -24.67 -6.49
C ARG A 283 -8.86 -24.80 -6.20
N VAL A 284 -7.99 -24.80 -7.22
CA VAL A 284 -6.55 -25.01 -7.04
C VAL A 284 -5.75 -24.00 -7.86
N ILE A 285 -4.68 -23.50 -7.27
CA ILE A 285 -3.64 -22.74 -7.97
C ILE A 285 -2.37 -23.58 -7.94
N VAL A 286 -1.72 -23.71 -9.09
CA VAL A 286 -0.38 -24.31 -9.17
C VAL A 286 0.55 -23.34 -9.83
N ALA A 287 1.69 -23.09 -9.18
CA ALA A 287 2.68 -22.17 -9.66
C ALA A 287 3.99 -22.91 -9.78
N VAL A 288 4.59 -22.88 -10.98
CA VAL A 288 5.84 -23.61 -11.25
C VAL A 288 6.90 -22.64 -11.79
N THR A 289 8.10 -22.70 -11.22
CA THR A 289 9.25 -21.97 -11.77
C THR A 289 10.46 -22.89 -11.96
N ILE A 290 11.07 -22.81 -13.14
CA ILE A 290 12.27 -23.58 -13.51
C ILE A 290 13.40 -22.61 -13.91
N ASP A 291 14.49 -22.67 -13.18
CA ASP A 291 15.63 -21.77 -13.33
C ASP A 291 16.69 -22.35 -14.30
N GLU A 292 17.01 -21.59 -15.34
CA GLU A 292 18.06 -21.92 -16.32
C GLU A 292 17.88 -23.25 -17.03
N PRO A 293 16.73 -23.44 -17.67
CA PRO A 293 16.64 -24.64 -18.50
C PRO A 293 17.65 -24.60 -19.65
N THR A 294 18.26 -25.73 -20.00
CA THR A 294 19.26 -25.74 -21.09
C THR A 294 19.05 -26.83 -22.15
N ALA A 295 17.95 -27.57 -22.04
CA ALA A 295 17.62 -28.61 -23.00
C ALA A 295 16.13 -28.59 -23.21
N HIS A 296 15.73 -28.87 -24.44
CA HIS A 296 14.33 -29.09 -24.78
C HIS A 296 13.41 -27.87 -24.58
N GLY A 297 13.98 -26.67 -24.73
CA GLY A 297 13.24 -25.41 -24.69
C GLY A 297 13.62 -24.55 -23.48
N TYR A 298 13.26 -23.26 -23.52
CA TYR A 298 13.45 -22.40 -22.35
C TYR A 298 12.28 -21.51 -21.95
N TYR A 299 11.17 -21.55 -22.68
CA TYR A 299 10.08 -20.64 -22.37
C TYR A 299 9.19 -21.24 -21.29
N GLY A 300 8.48 -20.37 -20.58
CA GLY A 300 7.54 -20.82 -19.55
C GLY A 300 6.61 -21.91 -19.99
N GLY A 301 5.98 -21.72 -21.14
CA GLY A 301 5.01 -22.68 -21.63
C GLY A 301 5.58 -24.06 -21.88
N VAL A 302 6.65 -24.14 -22.65
CA VAL A 302 7.26 -25.44 -22.97
C VAL A 302 7.97 -26.11 -21.78
N VAL A 303 8.58 -25.34 -20.89
CA VAL A 303 9.34 -25.90 -19.77
C VAL A 303 8.48 -26.15 -18.51
N ALA A 304 7.75 -25.13 -18.07
CA ALA A 304 6.97 -25.23 -16.83
C ALA A 304 5.52 -25.68 -17.06
N GLY A 305 5.03 -25.61 -18.31
CA GLY A 305 3.70 -26.12 -18.63
C GLY A 305 3.46 -27.60 -18.37
N PRO A 306 4.33 -28.47 -18.90
CA PRO A 306 4.11 -29.92 -18.68
C PRO A 306 4.07 -30.35 -17.19
N PRO A 307 5.02 -29.91 -16.35
CA PRO A 307 4.83 -30.25 -14.93
C PRO A 307 3.55 -29.62 -14.33
N PHE A 308 3.19 -28.40 -14.78
CA PHE A 308 1.94 -27.79 -14.29
C PHE A 308 0.76 -28.69 -14.60
N LYS A 309 0.75 -29.23 -15.81
CA LYS A 309 -0.38 -30.05 -16.27
C LYS A 309 -0.53 -31.30 -15.42
N LYS A 310 0.58 -31.93 -15.07
CA LYS A 310 0.55 -33.17 -14.28
C LYS A 310 0.21 -32.89 -12.81
N ILE A 311 0.75 -31.81 -12.28
CA ILE A 311 0.48 -31.40 -10.90
C ILE A 311 -0.95 -30.93 -10.74
N MET A 312 -1.47 -30.14 -11.70
CA MET A 312 -2.86 -29.70 -11.65
C MET A 312 -3.85 -30.87 -11.82
N GLY A 313 -3.65 -31.71 -12.83
CA GLY A 313 -4.59 -32.81 -13.09
C GLY A 313 -4.63 -33.78 -11.91
N GLY A 314 -3.46 -34.05 -11.37
CA GLY A 314 -3.33 -34.94 -10.24
C GLY A 314 -3.95 -34.38 -8.97
N SER A 315 -3.75 -33.09 -8.74
CA SER A 315 -4.29 -32.39 -7.57
C SER A 315 -5.81 -32.37 -7.63
N LEU A 316 -6.36 -32.03 -8.79
CA LEU A 316 -7.80 -32.05 -8.97
C LEU A 316 -8.36 -33.44 -8.61
N ASN A 317 -7.68 -34.47 -9.07
CA ASN A 317 -8.11 -35.84 -8.79
C ASN A 317 -8.01 -36.15 -7.30
N ILE A 318 -6.88 -35.84 -6.68
CA ILE A 318 -6.69 -36.10 -5.24
C ILE A 318 -7.75 -35.42 -4.38
N LEU A 319 -8.10 -34.19 -4.75
CA LEU A 319 -9.08 -33.42 -4.04
C LEU A 319 -10.51 -33.79 -4.36
N GLY A 320 -10.70 -34.68 -5.34
CA GLY A 320 -12.01 -35.18 -5.67
C GLY A 320 -12.86 -34.19 -6.42
N ILE A 321 -12.23 -33.34 -7.21
CA ILE A 321 -12.98 -32.36 -7.99
C ILE A 321 -13.41 -32.93 -9.34
N SER A 322 -14.68 -32.82 -9.65
CA SER A 322 -15.22 -33.44 -10.87
C SER A 322 -14.82 -32.67 -12.12
N PRO A 323 -14.49 -33.39 -13.21
CA PRO A 323 -14.26 -32.74 -14.49
C PRO A 323 -15.49 -31.97 -14.95
N THR A 324 -15.26 -30.80 -15.54
CA THR A 324 -16.33 -29.93 -15.99
C THR A 324 -16.70 -30.20 -17.45
N LYS A 325 -15.90 -30.98 -18.14
CA LYS A 325 -16.25 -31.37 -19.50
C LYS A 325 -15.80 -32.82 -19.76
N PRO A 326 -16.36 -33.45 -20.81
CA PRO A 326 -16.00 -34.82 -21.06
C PRO A 326 -14.49 -34.99 -21.26
N LEU A 327 -13.98 -36.10 -20.77
CA LEU A 327 -12.62 -36.51 -20.97
C LEU A 327 -12.37 -36.95 -22.42
N THR A 328 -11.12 -36.76 -22.87
CA THR A 328 -10.66 -37.23 -24.19
C THR A 328 -9.31 -37.97 -24.17
N ALA A 329 -8.67 -38.07 -23.00
CA ALA A 329 -7.34 -38.67 -22.86
C ALA A 329 -7.42 -39.99 -22.10
N GLY B 4 10.39 26.90 -11.05
CA GLY B 4 11.71 26.43 -10.57
C GLY B 4 12.45 27.45 -9.71
N ALA B 5 11.73 28.08 -8.77
CA ALA B 5 12.33 28.91 -7.70
C ALA B 5 11.92 28.27 -6.38
N LEU B 6 12.55 28.65 -5.27
CA LEU B 6 12.19 28.10 -3.95
C LEU B 6 10.77 28.43 -3.54
N SER B 7 10.10 27.48 -2.89
CA SER B 7 8.75 27.70 -2.36
C SER B 7 8.80 28.41 -1.01
N LEU B 8 9.97 28.36 -0.37
CA LEU B 8 10.19 28.98 0.93
C LEU B 8 9.74 30.44 0.94
N ASP B 9 8.84 30.79 1.88
CA ASP B 9 8.43 32.18 2.10
C ASP B 9 9.21 32.76 3.27
N GLN B 10 10.04 33.78 3.01
CA GLN B 10 10.94 34.32 4.03
CA GLN B 10 10.95 34.35 4.01
C GLN B 10 10.20 34.91 5.22
N ARG B 11 9.09 35.59 5.00
CA ARG B 11 8.32 36.15 6.13
C ARG B 11 7.67 35.03 6.95
N ILE B 12 7.16 33.99 6.27
CA ILE B 12 6.58 32.88 7.01
C ILE B 12 7.67 32.11 7.75
N GLN B 13 8.84 31.93 7.14
CA GLN B 13 9.91 31.24 7.82
C GLN B 13 10.31 32.00 9.07
N THR B 14 10.36 33.34 8.99
CA THR B 14 10.74 34.18 10.13
C THR B 14 9.74 34.02 11.28
N LEU B 15 8.46 34.17 10.93
CA LEU B 15 7.35 34.02 11.87
C LEU B 15 7.35 32.63 12.53
N ALA B 16 7.51 31.58 11.72
CA ALA B 16 7.48 30.24 12.25
C ALA B 16 8.63 30.01 13.24
N TYR B 17 9.84 30.46 12.91
CA TYR B 17 11.00 30.20 13.79
C TYR B 17 10.87 30.96 15.09
N GLU B 18 10.43 32.20 14.99
CA GLU B 18 10.24 33.07 16.15
C GLU B 18 9.17 32.53 17.13
N GLU B 19 8.02 32.10 16.61
CA GLU B 19 6.97 31.58 17.47
C GLU B 19 7.33 30.22 18.06
N LEU B 20 7.98 29.36 17.26
CA LEU B 20 8.46 28.07 17.75
C LEU B 20 9.42 28.24 18.92
N ASN B 21 10.40 29.12 18.77
CA ASN B 21 11.36 29.36 19.85
C ASN B 21 10.73 29.90 21.12
N LYS B 22 9.75 30.78 20.99
CA LYS B 22 9.02 31.31 22.15
C LYS B 22 8.27 30.25 22.94
N ALA B 23 7.66 29.29 22.22
CA ALA B 23 6.92 28.24 22.87
C ALA B 23 7.89 27.27 23.53
N VAL B 24 8.96 26.90 22.86
CA VAL B 24 9.95 25.96 23.41
C VAL B 24 10.52 26.53 24.71
N GLU B 25 10.76 27.83 24.70
CA GLU B 25 11.30 28.54 25.86
C GLU B 25 10.32 28.60 27.02
N TYR B 26 9.12 29.08 26.74
CA TYR B 26 8.08 29.14 27.77
C TYR B 26 7.91 27.78 28.47
N HIS B 27 7.85 26.70 27.68
CA HIS B 27 7.53 25.38 28.22
C HIS B 27 8.74 24.55 28.59
N GLN B 28 9.93 25.13 28.39
CA GLN B 28 11.16 24.49 28.79
C GLN B 28 11.29 23.11 28.15
N ALA B 29 11.10 23.09 26.84
CA ALA B 29 11.09 21.88 26.03
C ALA B 29 12.47 21.52 25.49
N LYS B 30 12.65 20.26 25.13
CA LYS B 30 13.88 19.82 24.53
C LYS B 30 14.03 20.48 23.14
N ALA B 31 12.93 20.59 22.40
CA ALA B 31 13.03 20.98 20.99
C ALA B 31 11.66 21.18 20.37
N GLY B 32 11.66 21.61 19.13
CA GLY B 32 10.42 21.97 18.48
C GLY B 32 10.63 22.05 17.00
N THR B 33 9.56 21.80 16.26
CA THR B 33 9.59 21.79 14.82
C THR B 33 8.27 22.36 14.29
N VAL B 34 8.34 23.09 13.16
CA VAL B 34 7.16 23.64 12.48
C VAL B 34 7.29 23.40 10.99
N VAL B 35 6.15 23.04 10.36
CA VAL B 35 6.05 22.93 8.91
C VAL B 35 4.84 23.74 8.50
N VAL B 36 5.02 24.57 7.49
CA VAL B 36 3.90 25.33 6.90
C VAL B 36 3.83 24.97 5.41
N LEU B 37 2.66 24.52 4.96
CA LEU B 37 2.44 24.15 3.56
C LEU B 37 1.33 24.95 2.92
N ASP B 38 1.42 25.14 1.62
CA ASP B 38 0.28 25.51 0.78
C ASP B 38 -0.65 24.30 0.64
N ALA B 39 -1.88 24.47 1.13
CA ALA B 39 -2.83 23.38 1.25
C ALA B 39 -3.36 22.83 -0.08
N ARG B 40 -3.21 23.61 -1.16
CA ARG B 40 -3.69 23.22 -2.49
C ARG B 40 -2.61 22.81 -3.47
N THR B 41 -1.35 23.16 -3.20
CA THR B 41 -0.24 22.80 -4.10
C THR B 41 0.82 21.92 -3.46
N GLY B 42 0.84 21.86 -2.14
CA GLY B 42 1.89 21.13 -1.44
C GLY B 42 3.24 21.81 -1.38
N GLU B 43 3.33 23.08 -1.81
CA GLU B 43 4.60 23.83 -1.68
C GLU B 43 4.94 24.01 -0.21
N ILE B 44 6.19 23.78 0.15
CA ILE B 44 6.65 24.01 1.51
C ILE B 44 6.99 25.48 1.70
N LEU B 45 6.19 26.19 2.51
CA LEU B 45 6.42 27.61 2.72
C LEU B 45 7.42 27.88 3.84
N ALA B 46 7.48 27.00 4.84
CA ALA B 46 8.44 27.15 5.93
C ALA B 46 8.71 25.82 6.57
N LEU B 47 9.93 25.68 7.10
CA LEU B 47 10.36 24.51 7.85
C LEU B 47 11.28 25.03 8.94
N ALA B 48 10.82 25.01 10.17
CA ALA B 48 11.61 25.57 11.27
C ALA B 48 11.89 24.50 12.28
N ASN B 49 13.07 24.58 12.90
CA ASN B 49 13.57 23.59 13.87
C ASN B 49 14.35 24.33 14.95
N THR B 50 14.29 23.85 16.18
CA THR B 50 15.24 24.37 17.16
C THR B 50 16.63 23.87 16.75
N PRO B 51 17.65 24.72 16.91
CA PRO B 51 18.98 24.48 16.34
C PRO B 51 19.53 23.07 16.59
N GLY B 52 20.24 22.55 15.60
CA GLY B 52 20.60 21.15 15.51
C GLY B 52 20.10 20.70 14.15
N ARG B 53 19.87 19.41 14.00
CA ARG B 53 19.54 18.87 12.68
C ARG B 53 18.17 19.30 12.16
N ASN B 54 17.89 18.90 10.92
CA ASN B 54 16.64 19.22 10.28
C ASN B 54 15.55 18.26 10.77
N ARG B 55 15.12 18.48 12.01
CA ARG B 55 14.19 17.58 12.71
C ARG B 55 12.91 17.30 11.91
N ALA B 56 12.39 18.28 11.18
CA ALA B 56 11.12 18.09 10.45
C ALA B 56 11.24 17.04 9.34
N VAL B 57 12.44 16.89 8.80
CA VAL B 57 12.71 15.90 7.74
C VAL B 57 13.35 14.62 8.28
N THR B 58 14.19 14.75 9.32
CA THR B 58 15.03 13.66 9.75
C THR B 58 14.42 12.85 10.89
N ASP B 59 13.72 13.51 11.82
CA ASP B 59 13.35 12.84 13.07
C ASP B 59 12.00 12.13 13.02
N MET B 60 12.02 10.85 13.36
CA MET B 60 10.82 10.06 13.51
CA MET B 60 10.81 10.04 13.49
C MET B 60 10.00 10.48 14.72
N ILE B 61 8.69 10.63 14.55
CA ILE B 61 7.78 10.82 15.69
C ILE B 61 6.63 9.83 15.54
N GLU B 62 5.97 9.52 16.63
CA GLU B 62 4.70 8.81 16.53
C GLU B 62 3.62 9.85 16.25
N PRO B 63 2.68 9.55 15.34
CA PRO B 63 1.66 10.56 15.04
C PRO B 63 0.69 10.82 16.17
N GLY B 64 0.57 9.87 17.10
CA GLY B 64 -0.40 9.94 18.19
C GLY B 64 -1.78 10.25 17.63
N SER B 65 -2.46 11.20 18.25
CA SER B 65 -3.84 11.47 17.89
C SER B 65 -4.01 12.19 16.56
N ALA B 66 -2.92 12.72 16.00
CA ALA B 66 -2.92 13.30 14.68
C ALA B 66 -3.23 12.32 13.57
N ILE B 67 -3.15 11.01 13.84
CA ILE B 67 -3.62 10.00 12.88
C ILE B 67 -5.16 9.85 12.84
N LYS B 68 -5.85 10.27 13.88
CA LYS B 68 -7.30 10.02 14.01
C LYS B 68 -8.20 10.55 12.89
N PRO B 69 -7.92 11.76 12.35
CA PRO B 69 -8.74 12.23 11.23
C PRO B 69 -8.76 11.28 10.04
N PHE B 70 -7.65 10.60 9.80
CA PHE B 70 -7.56 9.66 8.68
C PHE B 70 -8.33 8.36 8.90
N VAL B 71 -8.29 7.86 10.13
CA VAL B 71 -9.05 6.68 10.50
C VAL B 71 -10.53 6.95 10.35
N ILE B 72 -10.95 8.10 10.86
CA ILE B 72 -12.34 8.52 10.76
C ILE B 72 -12.71 8.70 9.30
N ALA B 73 -11.86 9.38 8.54
CA ALA B 73 -12.12 9.58 7.11
C ALA B 73 -12.27 8.25 6.36
N LYS B 74 -11.40 7.29 6.64
CA LYS B 74 -11.49 5.99 5.99
CA LYS B 74 -11.47 5.96 6.02
C LYS B 74 -12.78 5.23 6.34
N ALA B 75 -13.16 5.26 7.63
CA ALA B 75 -14.45 4.68 8.06
C ALA B 75 -15.64 5.32 7.35
N LEU B 76 -15.65 6.64 7.23
CA LEU B 76 -16.73 7.32 6.54
C LEU B 76 -16.73 7.02 5.04
N ASP B 77 -15.54 7.07 4.45
CA ASP B 77 -15.37 6.86 3.02
C ASP B 77 -15.86 5.47 2.59
N ALA B 78 -15.56 4.46 3.39
CA ALA B 78 -15.90 3.09 3.09
C ALA B 78 -17.30 2.70 3.54
N GLY B 79 -18.07 3.66 4.05
CA GLY B 79 -19.44 3.41 4.57
C GLY B 79 -19.54 2.59 5.84
N LYS B 80 -18.45 2.50 6.63
CA LYS B 80 -18.48 1.70 7.86
C LYS B 80 -19.10 2.45 9.05
N THR B 81 -19.33 3.75 8.89
CA THR B 81 -19.99 4.56 9.90
C THR B 81 -20.59 5.73 9.14
N ASP B 82 -21.40 6.53 9.81
CA ASP B 82 -21.93 7.76 9.25
C ASP B 82 -22.04 8.81 10.35
N LEU B 83 -22.45 10.02 10.01
CA LEU B 83 -22.52 11.10 10.99
C LEU B 83 -23.61 11.00 12.04
N ASN B 84 -24.53 10.04 11.91
CA ASN B 84 -25.63 9.85 12.87
C ASN B 84 -25.35 8.80 13.95
N GLU B 85 -24.41 7.90 13.69
CA GLU B 85 -24.22 6.77 14.56
C GLU B 85 -23.65 7.28 15.89
N ARG B 86 -24.15 6.76 16.99
CA ARG B 86 -23.57 6.99 18.30
C ARG B 86 -22.84 5.73 18.70
N LEU B 87 -21.53 5.83 18.94
CA LEU B 87 -20.74 4.66 19.30
C LEU B 87 -20.65 4.55 20.80
N ASN B 88 -20.60 3.32 21.29
CA ASN B 88 -20.32 3.05 22.69
C ASN B 88 -18.83 3.34 22.90
N THR B 89 -18.51 4.33 23.72
CA THR B 89 -17.11 4.73 23.92
C THR B 89 -16.64 4.47 25.36
N GLN B 90 -17.28 3.52 26.02
CA GLN B 90 -16.81 3.04 27.33
C GLN B 90 -15.53 2.26 27.20
N PRO B 91 -14.68 2.27 28.25
CA PRO B 91 -13.46 1.48 28.21
C PRO B 91 -13.75 0.02 27.96
N TYR B 92 -12.81 -0.67 27.34
CA TYR B 92 -13.01 -2.06 27.00
C TYR B 92 -11.67 -2.76 26.97
N LYS B 93 -11.70 -4.06 26.76
CA LYS B 93 -10.46 -4.83 26.71
C LYS B 93 -10.41 -5.64 25.44
N ILE B 94 -9.19 -5.81 24.94
CA ILE B 94 -8.89 -6.75 23.88
C ILE B 94 -8.02 -7.82 24.53
N GLY B 95 -8.65 -8.94 24.85
CA GLY B 95 -8.04 -9.92 25.75
C GLY B 95 -7.66 -9.23 27.04
N PRO B 96 -6.40 -9.37 27.47
CA PRO B 96 -5.95 -8.73 28.71
C PRO B 96 -5.60 -7.25 28.57
N SER B 97 -5.65 -6.70 27.35
CA SER B 97 -5.15 -5.36 27.12
C SER B 97 -6.27 -4.33 27.18
N PRO B 98 -6.14 -3.34 28.05
CA PRO B 98 -7.14 -2.29 28.12
C PRO B 98 -7.02 -1.26 26.99
N VAL B 99 -8.18 -0.80 26.54
CA VAL B 99 -8.26 0.38 25.69
C VAL B 99 -9.22 1.32 26.38
N ARG B 100 -8.71 2.46 26.82
CA ARG B 100 -9.49 3.38 27.62
C ARG B 100 -9.08 4.82 27.33
N ASP B 101 -10.03 5.73 27.50
CA ASP B 101 -9.78 7.18 27.41
C ASP B 101 -9.52 7.60 28.88
N THR B 102 -8.63 8.55 29.11
CA THR B 102 -8.43 9.06 30.48
C THR B 102 -9.67 9.78 31.00
N HIS B 103 -10.43 10.41 30.10
CA HIS B 103 -11.68 11.04 30.45
C HIS B 103 -12.82 10.31 29.71
N VAL B 104 -13.66 9.63 30.46
CA VAL B 104 -14.63 8.70 29.92
C VAL B 104 -15.92 9.41 29.52
N TYR B 105 -16.28 9.29 28.23
CA TYR B 105 -17.62 9.59 27.75
C TYR B 105 -18.32 8.27 27.41
N PRO B 106 -19.56 8.09 27.86
CA PRO B 106 -20.21 6.78 27.62
C PRO B 106 -20.51 6.53 26.15
N SER B 107 -20.94 7.57 25.43
CA SER B 107 -21.13 7.43 24.00
C SER B 107 -20.79 8.74 23.29
N LEU B 108 -20.27 8.62 22.08
CA LEU B 108 -19.99 9.76 21.25
C LEU B 108 -20.38 9.44 19.80
N ASP B 109 -20.79 10.47 19.08
CA ASP B 109 -20.89 10.38 17.62
C ASP B 109 -19.49 10.63 17.01
N VAL B 110 -19.39 10.48 15.70
CA VAL B 110 -18.10 10.67 15.04
C VAL B 110 -17.55 12.10 15.29
N ARG B 111 -18.42 13.10 15.24
CA ARG B 111 -18.03 14.48 15.59
C ARG B 111 -17.38 14.54 16.99
N GLY B 112 -18.01 13.89 17.96
CA GLY B 112 -17.53 13.85 19.33
C GLY B 112 -16.22 13.13 19.49
N ILE B 113 -16.04 12.05 18.75
CA ILE B 113 -14.77 11.32 18.73
C ILE B 113 -13.64 12.25 18.30
N MET B 114 -13.86 13.07 17.29
CA MET B 114 -12.87 14.02 16.79
C MET B 114 -12.59 15.11 17.83
N GLN B 115 -13.67 15.72 18.30
CA GLN B 115 -13.67 16.86 19.21
C GLN B 115 -13.00 16.53 20.54
N LYS B 116 -13.32 15.36 21.09
CA LYS B 116 -12.77 14.91 22.37
C LYS B 116 -11.50 14.07 22.26
N SER B 117 -11.09 13.71 21.05
CA SER B 117 -9.98 12.82 20.83
C SER B 117 -10.16 11.49 21.56
N SER B 118 -11.26 10.80 21.29
CA SER B 118 -11.54 9.50 21.92
C SER B 118 -10.71 8.34 21.34
N ASN B 119 -9.85 7.74 22.17
CA ASN B 119 -9.08 6.55 21.76
C ASN B 119 -10.01 5.34 21.52
N VAL B 120 -11.00 5.20 22.39
CA VAL B 120 -11.93 4.08 22.31
C VAL B 120 -12.72 4.18 21.02
N GLY B 121 -13.28 5.36 20.75
CA GLY B 121 -14.07 5.54 19.54
C GLY B 121 -13.28 5.29 18.27
N THR B 122 -12.09 5.85 18.18
CA THR B 122 -11.25 5.65 17.01
C THR B 122 -10.85 4.18 16.84
N SER B 123 -10.52 3.51 17.94
CA SER B 123 -10.14 2.09 17.87
C SER B 123 -11.32 1.20 17.39
N LYS B 124 -12.53 1.54 17.78
CA LYS B 124 -13.69 0.79 17.35
C LYS B 124 -14.00 1.02 15.87
N LEU B 125 -13.71 2.21 15.35
CA LEU B 125 -13.81 2.44 13.90
C LEU B 125 -12.76 1.64 13.14
N SER B 126 -11.51 1.66 13.61
CA SER B 126 -10.44 0.90 12.99
C SER B 126 -10.76 -0.62 12.95
N ALA B 127 -11.36 -1.10 14.04
CA ALA B 127 -11.73 -2.51 14.16
C ALA B 127 -12.77 -3.01 13.14
N ARG B 128 -13.42 -2.11 12.44
CA ARG B 128 -14.34 -2.50 11.35
C ARG B 128 -13.60 -2.85 10.03
N PHE B 129 -12.27 -2.65 10.01
CA PHE B 129 -11.41 -3.04 8.92
C PHE B 129 -10.48 -4.12 9.38
N GLY B 130 -10.04 -4.96 8.45
CA GLY B 130 -9.02 -5.92 8.76
C GLY B 130 -7.66 -5.25 8.94
N ALA B 131 -6.76 -5.94 9.62
CA ALA B 131 -5.41 -5.44 9.82
C ALA B 131 -4.70 -5.06 8.50
N GLU B 132 -4.82 -5.94 7.50
CA GLU B 132 -4.15 -5.72 6.23
C GLU B 132 -4.71 -4.49 5.51
N GLU B 133 -6.02 -4.29 5.58
CA GLU B 133 -6.66 -3.09 5.04
C GLU B 133 -6.13 -1.82 5.69
N MET B 134 -6.00 -1.82 7.02
CA MET B 134 -5.49 -0.62 7.69
C MET B 134 -4.01 -0.37 7.36
N TYR B 135 -3.20 -1.45 7.34
CA TYR B 135 -1.81 -1.40 6.89
C TYR B 135 -1.67 -0.73 5.51
N ASP B 136 -2.42 -1.20 4.53
CA ASP B 136 -2.37 -0.65 3.19
C ASP B 136 -2.76 0.85 3.18
N PHE B 137 -3.76 1.21 3.96
CA PHE B 137 -4.18 2.60 4.11
C PHE B 137 -3.05 3.46 4.69
N TYR B 138 -2.43 2.99 5.76
CA TYR B 138 -1.31 3.72 6.31
C TYR B 138 -0.19 3.90 5.29
N HIS B 139 0.08 2.87 4.51
CA HIS B 139 1.08 2.98 3.46
C HIS B 139 0.67 3.95 2.35
N GLU B 140 -0.61 3.92 1.97
CA GLU B 140 -1.18 4.83 1.01
C GLU B 140 -1.00 6.32 1.42
N LEU B 141 -1.15 6.59 2.72
CA LEU B 141 -0.88 7.93 3.27
C LEU B 141 0.57 8.33 3.22
N GLY B 142 1.47 7.36 3.02
CA GLY B 142 2.88 7.65 2.89
C GLY B 142 3.73 7.19 4.05
N ILE B 143 3.12 6.52 5.03
CA ILE B 143 3.89 6.02 6.20
C ILE B 143 4.78 4.86 5.77
N GLY B 144 6.07 4.98 6.10
CA GLY B 144 7.09 4.05 5.61
C GLY B 144 7.60 4.31 4.19
N VAL B 145 7.18 5.41 3.58
CA VAL B 145 7.56 5.71 2.20
C VAL B 145 8.40 6.97 2.18
N ARG B 146 9.67 6.81 1.82
CA ARG B 146 10.61 7.93 1.82
C ARG B 146 10.15 9.05 0.91
N MET B 147 10.42 10.28 1.34
CA MET B 147 10.06 11.43 0.53
C MET B 147 11.14 11.83 -0.47
N HIS B 148 12.37 11.34 -0.27
CA HIS B 148 13.52 11.69 -1.16
C HIS B 148 13.70 13.18 -1.36
N SER B 149 13.65 13.90 -0.23
CA SER B 149 13.78 15.36 -0.21
C SER B 149 15.14 15.81 -0.72
N GLY B 150 16.16 15.03 -0.39
CA GLY B 150 17.53 15.38 -0.72
C GLY B 150 18.32 15.69 0.52
N PHE B 151 17.66 15.76 1.68
CA PHE B 151 18.38 16.02 2.94
C PHE B 151 19.09 14.77 3.42
N PRO B 152 20.35 14.92 3.89
CA PRO B 152 20.97 13.75 4.49
C PRO B 152 20.23 13.33 5.74
N GLY B 153 20.19 12.02 6.01
CA GLY B 153 19.58 11.50 7.21
C GLY B 153 18.06 11.33 7.13
N GLU B 154 17.47 11.69 5.99
CA GLU B 154 16.04 11.51 5.77
C GLU B 154 15.69 10.04 5.91
N THR B 155 14.57 9.80 6.58
CA THR B 155 14.18 8.47 7.00
C THR B 155 12.86 8.12 6.33
N ALA B 156 12.67 6.82 6.11
CA ALA B 156 11.43 6.29 5.52
C ALA B 156 10.26 6.32 6.51
N GLY B 157 10.60 6.21 7.81
CA GLY B 157 9.63 6.01 8.88
C GLY B 157 9.42 4.55 9.16
N LEU B 158 8.42 4.24 9.99
CA LEU B 158 8.19 2.83 10.37
C LEU B 158 6.72 2.45 10.24
N LEU B 159 6.43 1.45 9.42
CA LEU B 159 5.10 0.82 9.34
C LEU B 159 5.34 -0.67 9.50
N ARG B 160 4.99 -1.19 10.67
CA ARG B 160 5.16 -2.63 10.97
C ARG B 160 4.29 -3.48 10.07
N ASN B 161 4.86 -4.57 9.61
CA ASN B 161 4.17 -5.53 8.77
C ASN B 161 2.91 -6.00 9.47
N TRP B 162 1.77 -5.95 8.78
CA TRP B 162 0.49 -6.31 9.37
C TRP B 162 0.39 -7.73 9.91
N ARG B 163 1.11 -8.66 9.29
CA ARG B 163 1.14 -10.05 9.76
C ARG B 163 1.67 -10.20 11.18
N ARG B 164 2.38 -9.21 11.69
CA ARG B 164 2.86 -9.19 13.07
C ARG B 164 1.92 -8.49 14.08
N TRP B 165 0.81 -7.92 13.59
CA TRP B 165 -0.14 -7.20 14.45
C TRP B 165 -1.12 -8.11 15.21
N ARG B 166 -1.11 -8.03 16.53
CA ARG B 166 -2.27 -8.52 17.34
C ARG B 166 -3.44 -7.51 17.27
N PRO B 167 -4.68 -7.92 17.61
CA PRO B 167 -5.76 -6.92 17.57
C PRO B 167 -5.50 -5.70 18.46
N ILE B 168 -4.78 -5.88 19.57
CA ILE B 168 -4.44 -4.72 20.42
C ILE B 168 -3.53 -3.74 19.67
N GLU B 169 -2.65 -4.27 18.83
CA GLU B 169 -1.79 -3.41 18.04
C GLU B 169 -2.55 -2.63 16.97
N GLN B 170 -3.54 -3.24 16.33
CA GLN B 170 -4.35 -2.49 15.38
C GLN B 170 -5.03 -1.30 16.11
N ALA B 171 -5.63 -1.57 17.26
CA ALA B 171 -6.28 -0.57 18.07
C ALA B 171 -5.34 0.57 18.47
N THR B 172 -4.15 0.25 18.99
CA THR B 172 -3.28 1.32 19.48
C THR B 172 -2.70 2.15 18.32
N MET B 173 -2.51 1.55 17.15
CA MET B 173 -2.05 2.27 15.97
C MET B 173 -3.08 3.28 15.51
N SER B 174 -4.37 2.99 15.73
CA SER B 174 -5.43 3.91 15.33
C SER B 174 -5.47 5.18 16.17
N PHE B 175 -4.83 5.16 17.35
CA PHE B 175 -4.56 6.42 18.04
C PHE B 175 -3.07 6.73 18.11
N GLY B 176 -2.35 6.17 17.14
CA GLY B 176 -1.03 6.68 16.76
C GLY B 176 0.19 6.12 17.46
N TYR B 177 0.04 5.00 18.18
CA TYR B 177 1.18 4.23 18.69
C TYR B 177 1.79 3.33 17.63
N GLY B 178 3.11 3.15 17.64
CA GLY B 178 3.77 2.15 16.77
C GLY B 178 4.15 2.65 15.38
N LEU B 179 3.32 3.49 14.79
CA LEU B 179 3.62 4.13 13.51
C LEU B 179 4.68 5.20 13.75
N GLN B 180 5.64 5.32 12.83
CA GLN B 180 6.60 6.42 12.90
C GLN B 180 6.72 7.14 11.58
N LEU B 181 6.76 8.46 11.65
CA LEU B 181 6.97 9.30 10.48
C LEU B 181 7.53 10.64 10.90
N SER B 182 8.08 11.36 9.92
CA SER B 182 8.55 12.71 10.14
C SER B 182 7.40 13.73 10.15
N LEU B 183 7.64 14.90 10.74
CA LEU B 183 6.61 15.92 10.73
C LEU B 183 6.21 16.29 9.32
N LEU B 184 7.19 16.29 8.41
CA LEU B 184 6.96 16.55 6.99
C LEU B 184 6.02 15.52 6.36
N GLN B 185 6.27 14.24 6.63
CA GLN B 185 5.36 13.16 6.19
C GLN B 185 3.95 13.30 6.74
N LEU B 186 3.85 13.76 7.97
CA LEU B 186 2.55 13.91 8.63
C LEU B 186 1.80 15.05 7.99
N ALA B 187 2.49 16.17 7.82
CA ALA B 187 1.92 17.32 7.14
C ALA B 187 1.48 16.96 5.73
N ARG B 188 2.27 16.17 5.01
CA ARG B 188 1.91 15.72 3.67
C ARG B 188 0.58 14.97 3.67
N ALA B 189 0.38 14.11 4.66
CA ALA B 189 -0.86 13.34 4.75
C ALA B 189 -2.08 14.24 4.83
N TYR B 190 -1.94 15.39 5.51
CA TYR B 190 -3.03 16.36 5.65
C TYR B 190 -3.48 17.01 4.34
N THR B 191 -2.64 16.98 3.31
CA THR B 191 -3.05 17.43 1.98
C THR B 191 -4.20 16.55 1.40
N ALA B 192 -4.29 15.27 1.81
CA ALA B 192 -5.45 14.46 1.44
C ALA B 192 -6.77 15.03 1.97
N LEU B 193 -6.75 15.73 3.11
CA LEU B 193 -7.95 16.40 3.61
C LEU B 193 -8.17 17.76 2.96
N THR B 194 -7.11 18.52 2.76
CA THR B 194 -7.25 19.91 2.30
C THR B 194 -7.44 19.97 0.81
N HIS B 195 -6.89 19.01 0.08
CA HIS B 195 -6.96 19.06 -1.38
C HIS B 195 -8.04 18.09 -1.85
N ASP B 196 -9.18 18.10 -1.17
CA ASP B 196 -10.39 17.33 -1.52
C ASP B 196 -10.19 15.86 -1.84
N GLY B 197 -9.44 15.19 -0.97
CA GLY B 197 -9.27 13.76 -1.05
C GLY B 197 -8.03 13.30 -1.79
N VAL B 198 -7.30 14.26 -2.34
CA VAL B 198 -6.13 13.98 -3.16
C VAL B 198 -4.83 14.28 -2.43
N LEU B 199 -4.06 13.24 -2.16
CA LEU B 199 -2.76 13.38 -1.53
C LEU B 199 -1.74 13.99 -2.53
N LEU B 200 -1.03 15.03 -2.10
CA LEU B 200 -0.03 15.69 -2.93
C LEU B 200 1.40 15.23 -2.59
N PRO B 201 2.33 15.30 -3.56
CA PRO B 201 3.70 14.87 -3.29
C PRO B 201 4.48 15.76 -2.32
N LEU B 202 4.14 17.05 -2.33
CA LEU B 202 4.91 18.15 -1.71
C LEU B 202 6.07 18.58 -2.59
N SER B 203 6.54 19.81 -2.38
CA SER B 203 7.63 20.34 -3.18
C SER B 203 8.31 21.46 -2.44
N PHE B 204 9.65 21.50 -2.57
CA PHE B 204 10.45 22.63 -2.11
C PHE B 204 10.57 23.71 -3.20
N GLU B 205 9.89 23.49 -4.34
CA GLU B 205 9.94 24.39 -5.49
C GLU B 205 8.58 24.97 -5.80
N LYS B 206 8.55 26.21 -6.29
CA LYS B 206 7.31 26.79 -6.79
C LYS B 206 6.81 25.99 -7.99
N GLN B 207 5.50 25.78 -8.01
CA GLN B 207 4.84 24.94 -9.01
C GLN B 207 4.25 25.81 -10.10
N ALA B 208 4.63 25.57 -11.36
CA ALA B 208 4.10 26.34 -12.50
C ALA B 208 2.67 25.91 -12.82
N VAL B 209 2.45 24.61 -12.79
CA VAL B 209 1.13 24.03 -12.99
C VAL B 209 0.77 23.19 -11.75
N ALA B 210 -0.52 23.09 -11.44
CA ALA B 210 -0.96 22.42 -10.22
C ALA B 210 -0.56 20.95 -10.29
N PRO B 211 0.05 20.43 -9.23
CA PRO B 211 0.63 19.10 -9.34
C PRO B 211 -0.46 18.03 -9.38
N GLN B 212 -0.08 16.87 -9.88
CA GLN B 212 -0.97 15.71 -9.89
C GLN B 212 -0.73 14.91 -8.62
N GLY B 213 -1.81 14.60 -7.94
CA GLY B 213 -1.72 13.87 -6.71
C GLY B 213 -2.26 12.47 -6.89
N LYS B 214 -2.63 11.88 -5.77
CA LYS B 214 -3.17 10.56 -5.76
C LYS B 214 -4.43 10.60 -4.93
N ARG B 215 -5.56 10.17 -5.50
CA ARG B 215 -6.80 10.15 -4.73
C ARG B 215 -6.79 9.07 -3.67
N ILE B 216 -7.14 9.48 -2.47
CA ILE B 216 -7.20 8.59 -1.32
C ILE B 216 -8.62 8.52 -0.73
N PHE B 217 -9.34 9.64 -0.73
CA PHE B 217 -10.73 9.73 -0.31
C PHE B 217 -11.58 10.36 -1.40
N LYS B 218 -12.88 10.12 -1.34
CA LYS B 218 -13.84 10.86 -2.14
C LYS B 218 -13.83 12.32 -1.69
N GLU B 219 -14.08 13.22 -2.63
CA GLU B 219 -14.18 14.65 -2.36
C GLU B 219 -15.13 14.98 -1.20
N SER B 220 -16.30 14.33 -1.22
CA SER B 220 -17.33 14.56 -0.20
C SER B 220 -16.86 14.17 1.21
N THR B 221 -16.15 13.05 1.32
CA THR B 221 -15.58 12.61 2.59
C THR B 221 -14.59 13.63 3.16
N ALA B 222 -13.63 14.05 2.34
CA ALA B 222 -12.64 15.06 2.75
C ALA B 222 -13.34 16.32 3.27
N ARG B 223 -14.29 16.85 2.50
CA ARG B 223 -15.05 18.05 2.93
C ARG B 223 -15.77 17.82 4.27
N GLU B 224 -16.40 16.66 4.42
CA GLU B 224 -17.06 16.27 5.66
C GLU B 224 -16.11 16.21 6.88
N VAL B 225 -14.93 15.64 6.67
CA VAL B 225 -13.96 15.53 7.75
C VAL B 225 -13.41 16.91 8.14
N ARG B 226 -13.22 17.80 7.17
CA ARG B 226 -12.74 19.14 7.47
C ARG B 226 -13.72 19.84 8.39
N ASN B 227 -15.01 19.67 8.11
CA ASN B 227 -16.05 20.24 8.93
C ASN B 227 -16.05 19.70 10.35
N LEU B 228 -15.86 18.39 10.48
CA LEU B 228 -15.77 17.76 11.77
C LEU B 228 -14.57 18.33 12.55
N MET B 229 -13.46 18.55 11.86
CA MET B 229 -12.23 19.04 12.49
C MET B 229 -12.34 20.48 13.03
N VAL B 230 -13.30 21.24 12.52
CA VAL B 230 -13.60 22.56 13.12
C VAL B 230 -14.06 22.47 14.59
N SER B 231 -14.69 21.36 14.99
CA SER B 231 -15.11 21.15 16.36
C SER B 231 -13.93 21.15 17.35
N VAL B 232 -12.75 20.82 16.85
CA VAL B 232 -11.56 20.76 17.72
C VAL B 232 -11.16 22.16 18.25
N THR B 233 -11.35 23.17 17.42
CA THR B 233 -10.97 24.54 17.81
C THR B 233 -12.10 25.34 18.43
N GLU B 234 -13.30 24.78 18.46
CA GLU B 234 -14.44 25.46 19.07
C GLU B 234 -14.68 24.98 20.49
N PRO B 235 -15.47 25.75 21.28
CA PRO B 235 -15.68 25.37 22.67
C PRO B 235 -16.22 23.94 22.73
N GLY B 236 -15.66 23.14 23.64
CA GLY B 236 -15.92 21.70 23.69
C GLY B 236 -14.74 20.86 23.17
N GLY B 237 -13.90 21.45 22.31
CA GLY B 237 -12.83 20.75 21.64
C GLY B 237 -11.51 20.84 22.38
N THR B 238 -10.59 19.97 22.01
CA THR B 238 -9.32 19.89 22.68
C THR B 238 -8.35 21.01 22.27
N GLY B 239 -8.65 21.72 21.19
CA GLY B 239 -7.71 22.66 20.61
C GLY B 239 -8.16 24.11 20.49
N THR B 240 -8.91 24.61 21.48
CA THR B 240 -9.41 26.00 21.42
C THR B 240 -8.30 27.03 21.50
N ALA B 241 -7.14 26.69 22.03
CA ALA B 241 -6.02 27.64 22.06
C ALA B 241 -5.45 27.90 20.65
N GLY B 242 -5.81 27.06 19.67
CA GLY B 242 -5.43 27.28 18.28
C GLY B 242 -6.45 28.01 17.37
N ALA B 243 -7.60 28.39 17.90
CA ALA B 243 -8.57 29.17 17.11
C ALA B 243 -7.94 30.49 16.64
N VAL B 244 -8.33 30.88 15.42
CA VAL B 244 -7.83 32.09 14.80
C VAL B 244 -9.02 33.01 14.51
N ASP B 245 -8.96 34.20 15.11
CA ASP B 245 -9.97 35.23 14.91
C ASP B 245 -10.23 35.48 13.41
N GLY B 246 -11.50 35.39 13.01
CA GLY B 246 -11.90 35.67 11.63
C GLY B 246 -11.98 34.46 10.71
N PHE B 247 -11.64 33.28 11.23
CA PHE B 247 -11.58 32.10 10.39
C PHE B 247 -12.20 30.93 11.11
N ASP B 248 -12.66 29.95 10.34
CA ASP B 248 -12.93 28.63 10.89
C ASP B 248 -11.67 27.80 10.65
N VAL B 249 -11.14 27.19 11.71
CA VAL B 249 -9.92 26.39 11.63
C VAL B 249 -10.24 24.95 11.93
N GLY B 250 -9.91 24.07 10.99
CA GLY B 250 -9.93 22.62 11.25
C GLY B 250 -8.58 22.22 11.79
N ALA B 251 -8.57 21.45 12.88
CA ALA B 251 -7.32 21.01 13.46
C ALA B 251 -7.45 19.70 14.21
N LYS B 252 -6.30 19.12 14.53
CA LYS B 252 -6.23 18.01 15.45
C LYS B 252 -5.04 18.19 16.41
N THR B 253 -5.28 17.88 17.68
CA THR B 253 -4.27 17.93 18.71
C THR B 253 -3.74 16.55 18.90
N GLY B 254 -2.53 16.48 19.42
CA GLY B 254 -1.97 15.23 19.84
C GLY B 254 -1.05 15.41 21.03
N THR B 255 -1.00 14.37 21.84
CA THR B 255 -0.17 14.33 23.03
C THR B 255 0.29 12.90 23.07
N ALA B 256 1.56 12.69 22.79
CA ALA B 256 2.14 11.37 22.69
C ALA B 256 3.15 11.09 23.81
N ARG B 257 2.92 10.01 24.55
CA ARG B 257 3.93 9.49 25.48
C ARG B 257 5.21 9.10 24.71
N LYS B 258 6.37 9.54 25.21
CA LYS B 258 7.61 9.28 24.50
C LYS B 258 8.04 7.83 24.56
N PHE B 259 8.42 7.33 23.39
CA PHE B 259 8.90 5.98 23.20
C PHE B 259 10.34 5.94 23.67
N VAL B 260 10.59 5.28 24.80
CA VAL B 260 11.94 5.18 25.35
C VAL B 260 12.50 3.81 24.93
N ASN B 261 12.66 3.67 23.60
CA ASN B 261 13.01 2.43 22.88
C ASN B 261 12.71 1.09 23.61
N GLY B 262 11.57 0.49 23.26
CA GLY B 262 11.06 -0.70 23.93
C GLY B 262 9.85 -0.36 24.78
N ARG B 263 9.93 0.71 25.57
CA ARG B 263 8.84 1.09 26.48
C ARG B 263 8.40 2.55 26.34
N TYR B 264 7.26 2.86 26.96
CA TYR B 264 6.69 4.21 26.99
C TYR B 264 6.69 4.80 28.38
N ALA B 265 7.09 6.07 28.48
CA ALA B 265 7.09 6.84 29.72
C ALA B 265 5.71 7.37 30.06
N ASP B 266 5.45 7.57 31.35
CA ASP B 266 4.20 8.21 31.77
C ASP B 266 4.41 9.69 32.06
N ASN B 267 5.66 10.15 32.05
CA ASN B 267 5.99 11.52 32.45
C ASN B 267 6.77 12.35 31.41
N LYS B 268 6.85 11.87 30.17
CA LYS B 268 7.42 12.69 29.10
C LYS B 268 6.62 12.52 27.81
N HIS B 269 6.40 13.64 27.15
CA HIS B 269 5.47 13.72 26.03
C HIS B 269 5.99 14.58 24.88
N VAL B 270 5.44 14.32 23.71
CA VAL B 270 5.53 15.17 22.55
C VAL B 270 4.13 15.78 22.30
N ALA B 271 4.06 17.11 22.19
CA ALA B 271 2.83 17.85 21.99
C ALA B 271 2.71 18.36 20.54
N THR B 272 1.56 18.11 19.92
CA THR B 272 1.36 18.34 18.49
C THR B 272 0.05 19.08 18.23
N PHE B 273 0.10 19.97 17.25
CA PHE B 273 -1.07 20.70 16.82
C PHE B 273 -0.92 20.89 15.33
N ILE B 274 -1.86 20.36 14.59
CA ILE B 274 -1.83 20.45 13.15
CA ILE B 274 -1.85 20.44 13.14
C ILE B 274 -3.21 20.93 12.69
N GLY B 275 -3.23 21.88 11.79
CA GLY B 275 -4.49 22.35 11.26
C GLY B 275 -4.37 23.13 9.99
N PHE B 276 -5.51 23.60 9.52
CA PHE B 276 -5.59 24.24 8.23
C PHE B 276 -6.71 25.27 8.29
N ALA B 277 -6.62 26.24 7.38
CA ALA B 277 -7.59 27.34 7.32
C ALA B 277 -7.46 27.99 5.96
N PRO B 278 -8.49 28.68 5.47
CA PRO B 278 -9.88 28.60 5.97
C PRO B 278 -10.48 27.18 5.85
N ALA B 279 -11.21 26.70 6.86
CA ALA B 279 -11.53 25.27 6.93
C ALA B 279 -12.30 24.74 5.71
N LYS B 280 -13.24 25.51 5.19
CA LYS B 280 -14.04 25.09 4.04
C LYS B 280 -13.29 25.10 2.71
N ASN B 281 -12.36 26.05 2.54
CA ASN B 281 -11.59 26.21 1.30
C ASN B 281 -10.15 26.48 1.72
N PRO B 282 -9.45 25.46 2.21
CA PRO B 282 -8.14 25.65 2.85
C PRO B 282 -7.06 26.18 1.96
N ARG B 283 -6.23 27.06 2.51
CA ARG B 283 -5.11 27.60 1.80
C ARG B 283 -3.76 27.28 2.46
N VAL B 284 -3.77 27.09 3.78
CA VAL B 284 -2.54 26.88 4.57
C VAL B 284 -2.68 25.70 5.51
N ILE B 285 -1.67 24.85 5.59
CA ILE B 285 -1.55 23.86 6.67
C ILE B 285 -0.41 24.30 7.58
N VAL B 286 -0.64 24.32 8.90
CA VAL B 286 0.44 24.53 9.85
C VAL B 286 0.51 23.35 10.79
N ALA B 287 1.71 22.81 10.97
CA ALA B 287 1.94 21.71 11.88
C ALA B 287 3.01 22.09 12.87
N VAL B 288 2.73 21.90 14.15
CA VAL B 288 3.65 22.27 15.20
C VAL B 288 3.84 21.08 16.10
N THR B 289 5.10 20.78 16.43
CA THR B 289 5.43 19.79 17.43
CA THR B 289 5.42 19.79 17.43
C THR B 289 6.44 20.36 18.40
N ILE B 290 6.18 20.14 19.70
CA ILE B 290 7.05 20.52 20.80
C ILE B 290 7.42 19.27 21.61
N ASP B 291 8.71 18.95 21.65
CA ASP B 291 9.22 17.74 22.24
C ASP B 291 9.63 17.95 23.71
N GLU B 292 8.99 17.20 24.61
CA GLU B 292 9.35 17.13 26.03
C GLU B 292 9.24 18.45 26.77
N PRO B 293 8.06 19.10 26.70
CA PRO B 293 7.81 20.27 27.53
C PRO B 293 7.85 19.88 29.01
N THR B 294 8.45 20.74 29.83
CA THR B 294 8.63 20.44 31.27
C THR B 294 7.98 21.46 32.19
N ALA B 295 7.46 22.54 31.63
CA ALA B 295 6.72 23.52 32.39
C ALA B 295 5.43 23.95 31.67
N HIS B 296 4.44 24.34 32.47
CA HIS B 296 3.17 24.93 32.00
C HIS B 296 2.30 24.03 31.10
N GLY B 297 2.33 22.72 31.36
CA GLY B 297 1.46 21.78 30.64
C GLY B 297 2.21 20.95 29.64
N TYR B 298 1.57 19.89 29.16
CA TYR B 298 2.18 19.06 28.14
C TYR B 298 1.25 18.61 27.00
N TYR B 299 -0.06 18.87 27.10
CA TYR B 299 -1.01 18.49 26.03
C TYR B 299 -0.88 19.38 24.80
N GLY B 300 -1.13 18.80 23.64
CA GLY B 300 -0.94 19.50 22.38
C GLY B 300 -1.69 20.80 22.27
N GLY B 301 -2.94 20.81 22.71
CA GLY B 301 -3.76 22.00 22.63
C GLY B 301 -3.18 23.15 23.45
N VAL B 302 -2.68 22.84 24.65
CA VAL B 302 -2.10 23.85 25.55
C VAL B 302 -0.68 24.33 25.13
N VAL B 303 0.16 23.42 24.67
CA VAL B 303 1.56 23.71 24.37
C VAL B 303 1.75 24.14 22.92
N ALA B 304 1.21 23.37 21.97
CA ALA B 304 1.38 23.63 20.54
C ALA B 304 0.29 24.50 19.91
N GLY B 305 -0.85 24.65 20.57
CA GLY B 305 -1.93 25.51 20.12
C GLY B 305 -1.57 26.98 19.99
N PRO B 306 -1.03 27.59 21.07
CA PRO B 306 -0.63 28.98 20.96
C PRO B 306 0.35 29.31 19.81
N PRO B 307 1.45 28.56 19.63
CA PRO B 307 2.26 28.86 18.43
C PRO B 307 1.53 28.61 17.10
N PHE B 308 0.69 27.58 17.04
CA PHE B 308 -0.16 27.39 15.87
C PHE B 308 -0.99 28.61 15.57
N LYS B 309 -1.67 29.14 16.58
CA LYS B 309 -2.51 30.31 16.41
C LYS B 309 -1.76 31.51 15.75
N LYS B 310 -0.57 31.80 16.28
CA LYS B 310 0.26 32.92 15.79
C LYS B 310 0.78 32.68 14.38
N ILE B 311 1.27 31.47 14.12
CA ILE B 311 1.79 31.14 12.80
C ILE B 311 0.69 31.10 11.73
N MET B 312 -0.44 30.46 12.03
CA MET B 312 -1.56 30.38 11.08
C MET B 312 -2.11 31.78 10.80
N GLY B 313 -2.45 32.52 11.86
CA GLY B 313 -2.95 33.90 11.72
C GLY B 313 -1.98 34.78 10.96
N GLY B 314 -0.71 34.75 11.35
CA GLY B 314 0.31 35.52 10.62
C GLY B 314 0.49 35.11 9.17
N SER B 315 0.44 33.80 8.89
CA SER B 315 0.63 33.30 7.56
C SER B 315 -0.53 33.68 6.64
N LEU B 316 -1.76 33.57 7.13
CA LEU B 316 -2.93 33.98 6.36
C LEU B 316 -2.84 35.48 6.01
N ASN B 317 -2.43 36.28 6.98
CA ASN B 317 -2.24 37.71 6.75
C ASN B 317 -1.14 37.95 5.70
N ILE B 318 0.05 37.37 5.90
CA ILE B 318 1.17 37.52 4.95
C ILE B 318 0.80 37.15 3.53
N LEU B 319 0.00 36.09 3.37
CA LEU B 319 -0.41 35.62 2.05
C LEU B 319 -1.66 36.32 1.48
N GLY B 320 -2.22 37.29 2.21
CA GLY B 320 -3.39 38.04 1.72
C GLY B 320 -4.69 37.26 1.70
N ILE B 321 -4.86 36.33 2.64
CA ILE B 321 -6.10 35.55 2.69
C ILE B 321 -7.07 36.22 3.65
N SER B 322 -8.25 36.52 3.14
CA SER B 322 -9.20 37.31 3.91
C SER B 322 -9.96 36.48 4.90
N PRO B 323 -10.27 37.05 6.06
CA PRO B 323 -11.19 36.45 7.01
C PRO B 323 -12.52 36.14 6.35
N THR B 324 -13.20 35.16 6.88
CA THR B 324 -14.51 34.76 6.37
C THR B 324 -15.62 35.27 7.31
N LYS B 325 -15.27 35.76 8.49
CA LYS B 325 -16.26 36.41 9.37
C LYS B 325 -15.57 37.56 10.08
N PRO B 326 -16.37 38.54 10.59
CA PRO B 326 -15.72 39.71 11.18
C PRO B 326 -14.88 39.37 12.40
N LEU B 327 -13.78 40.07 12.52
CA LEU B 327 -12.89 39.92 13.64
C LEU B 327 -13.52 40.53 14.90
N THR B 328 -13.21 39.96 16.05
CA THR B 328 -13.65 40.45 17.35
C THR B 328 -12.52 41.13 18.13
N ALA B 329 -11.28 40.96 17.67
CA ALA B 329 -10.09 41.56 18.31
C ALA B 329 -8.98 41.84 17.29
OBJ NZV C . 9.47 -9.71 -21.90
CAK NZV C . 9.83 -10.72 -21.31
CAD NZV C . 11.21 -10.89 -20.86
CAE NZV C . 11.54 -10.46 -19.49
CAF NZV C . 10.62 -9.86 -18.65
SAG NZV C . 11.23 -9.46 -17.09
CAH NZV C . 12.70 -10.17 -17.64
NAI NZV C . 13.77 -10.21 -16.80
NAJ NZV C . 12.73 -10.66 -18.89
NAC NZV C . 12.07 -11.46 -21.54
OAB NZV C . 11.74 -11.84 -22.69
CAA NZV C . 12.42 -12.94 -23.28
N NZV C . 9.01 -11.74 -21.03
CA NZV C . 7.56 -11.67 -21.29
C NZV C . 6.88 -12.45 -20.18
O NZV C . 7.48 -12.96 -19.27
CB NZV C . 6.86 -12.17 -22.55
SAV NZV C . 7.79 -12.09 -24.04
CAU NZV C . 8.84 -13.52 -23.86
NAO NZV C . 6.41 -13.53 -22.29
CAP NZV C . 6.88 -14.69 -22.74
CAQ NZV C . 6.07 -15.86 -22.31
OAR NZV C . 4.81 -15.79 -22.33
OAS NZV C . 6.63 -16.89 -21.93
CAT NZV C . 8.00 -14.76 -23.51
CAW NZV C . 8.49 -16.11 -24.04
SAX NZV C . 8.58 -16.24 -25.81
CAY NZV C . 10.19 -15.81 -26.29
NBD NZV C . 10.62 -15.67 -27.64
CBE NZV C . 9.70 -15.89 -28.78
NAZ NZV C . 11.10 -15.58 -25.31
CBA NZV C . 12.38 -15.24 -25.58
OBG NZV C . 13.17 -15.05 -24.64
CBB NZV C . 12.81 -15.10 -26.90
NBC NZV C . 11.95 -15.31 -27.92
OBF NZV C . 14.00 -14.80 -27.13
S1 CEF D . -5.57 11.22 24.65
C1 CEF D . -6.71 12.53 25.01
C2 CEF D . -6.25 13.88 24.47
C3 CEF D . -6.83 14.98 24.94
C4 CEF D . -5.23 14.00 23.44
C5 CEF D . -5.03 15.22 22.68
O1 CEF D . -5.87 15.50 21.76
O2 CEF D . -4.01 15.90 22.93
N1 CEF D . -4.48 13.03 23.17
C6 CEF D . -5.08 11.72 23.04
C7 CEF D . -4.11 10.74 22.38
C8 CEF D . -3.65 11.28 21.04
O3 CEF D . -2.72 12.11 20.96
N2 CEF D . -2.86 10.37 23.02
C9 CEF D . -2.69 9.23 23.68
O4 CEF D . -3.58 8.45 23.93
C10 CEF D . -1.32 8.94 24.13
N3 CEF D . -0.92 9.23 25.29
O5 CEF D . -1.69 9.73 26.17
C11 CEF D . -1.88 11.14 26.34
C12 CEF D . -0.40 8.41 23.09
C13 CEF D . -0.76 8.04 21.80
S2 CEF D . 0.51 7.50 20.77
C14 CEF D . 1.52 7.77 22.16
N4 CEF D . 2.86 7.55 22.10
N5 CEF D . 0.95 8.26 23.26
C1 9F2 E . 18.06 28.88 12.80
S1 9F2 E . 19.30 28.23 11.73
C2 9F2 E . 20.25 27.75 13.15
C3 9F2 E . 20.69 28.94 13.99
C4 9F2 E . 22.17 29.13 14.24
S2 9F2 E . 22.89 27.76 15.09
C5 9F2 E . 24.18 27.28 14.09
N1 9F2 E . 24.03 26.21 13.24
C6 9F2 E . 25.02 25.80 12.44
O1 9F2 E . 24.83 24.82 11.68
C7 9F2 E . 26.25 26.45 12.45
O2 9F2 E . 27.17 26.07 11.70
N2 9F2 E . 26.47 27.51 13.26
N3 9F2 E . 25.44 27.95 14.11
C8 9F2 E . 25.66 29.09 15.01
C9 9F2 E . 19.75 29.81 14.42
N4 9F2 E . 18.72 29.92 13.59
C10 9F2 E . 18.01 30.94 13.14
O3 9F2 E . 18.00 32.14 13.30
C11 9F2 E . 17.15 30.03 12.32
N5 9F2 E . 17.17 30.22 10.89
C12 9F2 E . 16.12 29.79 10.18
O4 9F2 E . 15.11 29.25 10.62
C13 9F2 E . 16.22 30.01 8.74
N6 9F2 E . 16.80 29.14 8.04
O5 9F2 E . 17.29 28.11 8.58
C14 9F2 E . 18.52 27.53 8.12
C15 9F2 E . 15.62 31.25 8.19
C16 9F2 E . 14.97 32.23 8.94
S3 9F2 E . 14.38 33.56 7.99
C17 9F2 E . 15.03 32.72 6.64
N7 9F2 E . 14.94 33.20 5.38
N8 9F2 E . 15.64 31.55 6.86
C18 9F2 E . 19.78 30.63 15.63
O6 9F2 E . 18.71 31.04 16.14
O7 9F2 E . 20.86 30.94 16.15
C1 PEG F . -11.38 16.16 26.05
O1 PEG F . -11.78 17.48 26.43
C2 PEG F . -10.76 15.42 27.23
O2 PEG F . -9.34 15.66 27.29
C3 PEG F . -8.91 16.39 28.44
C4 PEG F . -7.44 16.11 28.71
O4 PEG F . -6.76 17.33 29.06
#